data_5D9M
#
_entry.id   5D9M
#
_cell.length_a   77.431
_cell.length_b   81.677
_cell.length_c   108.492
_cell.angle_alpha   90.00
_cell.angle_beta   90.00
_cell.angle_gamma   90.00
#
_symmetry.space_group_name_H-M   'P 21 21 21'
#
loop_
_entity.id
_entity.type
_entity.pdbx_description
1 polymer B-1,4-endoglucanase
2 branched alpha-D-xylopyranose-(1-6)-beta-D-glucopyranose-(1-4)-[alpha-D-xylopyranose-(1-6)]beta-D-glucopyranose-(1-4)-[alpha-D-xylopyranose-(1-6)]beta-D-glucopyranose-(1-4)-alpha-D-glucopyranose
3 branched alpha-D-xylopyranose-(1-6)-beta-D-glucopyranose-(1-4)-[alpha-D-xylopyranose-(1-6)]beta-D-glucopyranose-(1-4)-[alpha-D-xylopyranose-(1-6)]beta-D-glucopyranose-(1-4)-beta-D-glucopyranose-(1-4)-[alpha-D-xylopyranose-(1-6)]beta-D-glucopyranose-(1-4)-[alpha-D-xylopyranose-(1-6)]beta-D-glucopyranose-(1-4)-[alpha-D-xylopyranose-(1-6)]beta-D-glucopyranose-(1-4)-alpha-D-glucopyranose
4 water water
#
_entity_poly.entity_id   1
_entity_poly.type   'polypeptide(L)'
_entity_poly.pdbx_seq_one_letter_code
;MINQNATYMEESAQSAVDNFGLGFNLGNTLDANGCGTGKPVATYETFWGQPETTQDMMTFLMQNGFNAVRIPVTWYEHMD
AEGNVDEAWMMRVKAIVEYAMNAGLYAIVNVHHDTAAGSGAWIKADTDVYAATKEKFKKLWTQIANALADYDQHLLFEGY
NEMLDGNNSWDEPQKASGYEALNNYAQDFVDAVRATGGNNATRNLIVNTYAAAKGENVLNNFMLPTDAVNNHLIVQVHSY
DPWNFFNTKTTWDSECHNTLTEIFSALSKKFTTIPYIIGAYGTHGESDISVSKSSPAEKIKLAADQAADMVKLAKDHHSA
TFYWMSIFDGSDRIQPQWSLPTVVEAMQEAYNN
;
_entity_poly.pdbx_strand_id   A,B
#
# COMPACT_ATOMS: atom_id res chain seq x y z
N THR A 7 39.57 -0.36 -26.43
CA THR A 7 39.19 -1.18 -27.57
C THR A 7 37.98 -2.04 -27.25
N TYR A 8 37.37 -2.61 -28.29
CA TYR A 8 36.15 -3.38 -28.12
C TYR A 8 36.44 -4.84 -27.80
N MET A 9 35.80 -5.35 -26.75
CA MET A 9 35.86 -6.76 -26.40
C MET A 9 34.45 -7.32 -26.30
N GLU A 10 34.07 -8.16 -27.27
CA GLU A 10 32.71 -8.69 -27.31
C GLU A 10 32.38 -9.47 -26.03
N GLU A 11 31.19 -9.20 -25.50
CA GLU A 11 30.74 -9.74 -24.23
C GLU A 11 29.30 -10.18 -24.36
N SER A 12 28.94 -11.32 -23.77
CA SER A 12 27.56 -11.81 -23.87
C SER A 12 26.63 -10.96 -23.02
N ALA A 13 25.34 -11.03 -23.33
CA ALA A 13 24.31 -10.31 -22.59
C ALA A 13 24.30 -10.69 -21.11
N GLN A 14 24.39 -11.99 -20.83
CA GLN A 14 24.39 -12.47 -19.45
C GLN A 14 25.61 -11.96 -18.68
N SER A 15 26.76 -11.98 -19.33
CA SER A 15 27.98 -11.49 -18.68
C SER A 15 27.88 -10.00 -18.34
N ALA A 16 27.32 -9.22 -19.25
CA ALA A 16 27.10 -7.80 -19.00
C ALA A 16 26.22 -7.60 -17.77
N VAL A 17 25.09 -8.31 -17.75
CA VAL A 17 24.15 -8.23 -16.62
C VAL A 17 24.82 -8.67 -15.31
N ASP A 18 25.65 -9.71 -15.38
CA ASP A 18 26.36 -10.18 -14.19
C ASP A 18 27.37 -9.14 -13.69
N ASN A 19 27.85 -8.28 -14.59
CA ASN A 19 28.86 -7.29 -14.26
CA ASN A 19 28.86 -7.29 -14.24
C ASN A 19 28.27 -5.92 -13.89
N PHE A 20 26.98 -5.74 -14.13
CA PHE A 20 26.29 -4.49 -13.81
C PHE A 20 26.39 -4.14 -12.33
N GLY A 21 26.38 -5.16 -11.48
CA GLY A 21 26.40 -4.97 -10.04
C GLY A 21 25.22 -4.12 -9.58
N LEU A 22 25.47 -3.17 -8.69
CA LEU A 22 24.44 -2.21 -8.29
C LEU A 22 24.33 -1.14 -9.36
N GLY A 23 23.10 -0.88 -9.82
CA GLY A 23 22.86 0.12 -10.84
C GLY A 23 22.06 1.32 -10.35
N PHE A 24 22.21 2.45 -11.04
CA PHE A 24 21.50 3.68 -10.69
C PHE A 24 20.91 4.36 -11.92
N ASN A 25 19.69 4.90 -11.77
CA ASN A 25 19.05 5.70 -12.83
C ASN A 25 19.30 7.20 -12.68
N LEU A 26 19.95 7.81 -13.68
CA LEU A 26 20.11 9.26 -13.70
C LEU A 26 18.80 9.90 -14.18
N GLY A 27 17.74 9.74 -13.38
CA GLY A 27 16.40 10.10 -13.79
C GLY A 27 16.08 11.57 -13.67
N ASN A 28 15.05 12.00 -14.40
CA ASN A 28 14.59 13.39 -14.43
C ASN A 28 15.71 14.32 -14.87
N THR A 29 16.58 13.80 -15.73
CA THR A 29 17.73 14.56 -16.17
C THR A 29 17.65 14.76 -17.68
N LEU A 30 18.27 13.90 -18.48
CA LEU A 30 18.12 14.04 -19.93
C LEU A 30 16.74 13.57 -20.36
N ASP A 31 16.01 12.92 -19.45
CA ASP A 31 14.64 12.51 -19.76
C ASP A 31 13.64 13.63 -19.48
N ALA A 32 14.08 14.65 -18.77
CA ALA A 32 13.23 15.82 -18.52
C ALA A 32 12.77 16.46 -19.82
N ASN A 33 11.53 16.91 -19.87
CA ASN A 33 10.96 17.47 -21.09
C ASN A 33 9.74 18.34 -20.79
N GLY A 34 9.33 19.13 -21.78
CA GLY A 34 8.13 19.94 -21.66
C GLY A 34 8.37 21.44 -21.69
N CYS A 35 9.63 21.84 -21.79
CA CYS A 35 9.96 23.27 -21.82
C CYS A 35 9.91 23.83 -23.25
N GLY A 36 9.70 22.95 -24.22
CA GLY A 36 9.55 23.36 -25.60
C GLY A 36 10.79 23.13 -26.43
N THR A 37 10.70 23.41 -27.73
CA THR A 37 11.81 23.21 -28.65
C THR A 37 12.72 24.43 -28.71
N GLY A 38 13.95 24.24 -29.20
CA GLY A 38 14.85 25.35 -29.46
C GLY A 38 15.53 25.96 -28.24
N LYS A 39 15.49 25.27 -27.11
CA LYS A 39 16.07 25.81 -25.88
C LYS A 39 17.52 25.35 -25.70
N PRO A 40 18.29 26.05 -24.86
CA PRO A 40 19.66 25.56 -24.60
C PRO A 40 19.64 24.18 -23.95
N VAL A 41 20.68 23.39 -24.19
CA VAL A 41 20.79 22.05 -23.64
C VAL A 41 20.56 22.03 -22.12
N ALA A 42 21.20 22.95 -21.41
CA ALA A 42 21.12 22.97 -19.94
C ALA A 42 19.71 23.24 -19.43
N THR A 43 18.91 23.92 -20.25
CA THR A 43 17.52 24.21 -19.90
C THR A 43 16.74 22.90 -19.74
N TYR A 44 16.88 22.01 -20.72
CA TYR A 44 16.27 20.69 -20.65
C TYR A 44 16.81 19.86 -19.48
N GLU A 45 18.13 19.81 -19.36
CA GLU A 45 18.77 18.94 -18.39
C GLU A 45 18.38 19.29 -16.95
N THR A 46 18.13 20.57 -16.70
CA THR A 46 17.82 21.03 -15.35
C THR A 46 16.33 21.37 -15.19
N PHE A 47 15.54 21.06 -16.21
CA PHE A 47 14.14 21.48 -16.22
C PHE A 47 13.33 20.86 -15.10
N TRP A 48 13.71 19.67 -14.65
CA TRP A 48 12.97 18.97 -13.59
C TRP A 48 13.70 18.93 -12.25
N GLY A 49 14.57 19.91 -12.01
CA GLY A 49 15.17 20.08 -10.70
C GLY A 49 16.49 19.38 -10.42
N GLN A 50 17.04 18.68 -11.41
CA GLN A 50 18.35 18.05 -11.23
C GLN A 50 19.46 18.98 -11.71
N PRO A 51 20.67 18.88 -11.11
CA PRO A 51 21.78 19.69 -11.58
C PRO A 51 22.34 19.13 -12.89
N GLU A 52 23.10 19.93 -13.62
CA GLU A 52 23.80 19.42 -14.81
C GLU A 52 24.76 18.31 -14.39
N THR A 53 24.76 17.22 -15.15
CA THR A 53 25.58 16.07 -14.82
C THR A 53 27.07 16.38 -14.96
N THR A 54 27.88 15.81 -14.07
CA THR A 54 29.33 16.03 -14.10
C THR A 54 30.07 14.71 -14.11
N GLN A 55 31.35 14.76 -14.50
CA GLN A 55 32.23 13.62 -14.39
C GLN A 55 32.28 13.12 -12.94
N ASP A 56 32.35 14.04 -12.00
CA ASP A 56 32.44 13.70 -10.58
C ASP A 56 31.31 12.79 -10.11
N MET A 57 30.13 12.95 -10.70
CA MET A 57 28.97 12.12 -10.34
C MET A 57 29.18 10.66 -10.75
N MET A 58 29.66 10.43 -11.96
CA MET A 58 29.90 9.08 -12.44
C MET A 58 31.02 8.40 -11.68
N THR A 59 32.08 9.16 -11.40
CA THR A 59 33.21 8.67 -10.64
C THR A 59 32.75 8.31 -9.22
N PHE A 60 31.90 9.16 -8.64
CA PHE A 60 31.35 8.89 -7.31
C PHE A 60 30.67 7.54 -7.26
N LEU A 61 29.85 7.24 -8.26
CA LEU A 61 29.12 5.98 -8.31
C LEU A 61 30.08 4.80 -8.29
N MET A 62 31.11 4.87 -9.13
CA MET A 62 32.10 3.81 -9.19
C MET A 62 32.85 3.65 -7.88
N GLN A 63 33.24 4.78 -7.28
CA GLN A 63 33.99 4.78 -6.03
C GLN A 63 33.16 4.31 -4.85
N ASN A 64 31.84 4.24 -5.03
CA ASN A 64 30.96 3.85 -3.94
C ASN A 64 30.10 2.61 -4.24
N GLY A 65 30.69 1.65 -4.95
CA GLY A 65 30.10 0.32 -5.05
C GLY A 65 29.04 0.09 -6.10
N PHE A 66 28.91 1.04 -7.04
CA PHE A 66 27.97 0.88 -8.15
C PHE A 66 28.75 0.65 -9.44
N ASN A 67 28.22 -0.18 -10.34
CA ASN A 67 28.95 -0.52 -11.56
C ASN A 67 28.18 -0.27 -12.85
N ALA A 68 26.95 0.22 -12.76
CA ALA A 68 26.18 0.56 -13.95
C ALA A 68 25.26 1.75 -13.75
N VAL A 69 25.14 2.58 -14.78
CA VAL A 69 24.22 3.71 -14.73
C VAL A 69 23.30 3.67 -15.94
N ARG A 70 22.01 3.86 -15.69
CA ARG A 70 21.05 4.04 -16.77
C ARG A 70 20.84 5.53 -16.99
N ILE A 71 20.96 5.94 -18.25
CA ILE A 71 20.84 7.35 -18.64
C ILE A 71 19.57 7.54 -19.50
N PRO A 72 18.43 7.78 -18.85
CA PRO A 72 17.20 8.01 -19.61
C PRO A 72 17.33 9.23 -20.51
N VAL A 73 16.84 9.15 -21.75
CA VAL A 73 16.88 10.32 -22.63
C VAL A 73 15.55 10.46 -23.34
N THR A 74 14.97 11.65 -23.26
CA THR A 74 13.79 11.99 -24.03
C THR A 74 14.21 12.80 -25.23
N TRP A 75 13.73 12.43 -26.41
CA TRP A 75 14.28 12.94 -27.67
C TRP A 75 13.39 13.89 -28.47
N TYR A 76 12.07 13.83 -28.28
CA TYR A 76 11.15 14.50 -29.22
C TYR A 76 11.33 16.02 -29.33
N GLU A 77 11.70 16.70 -28.24
CA GLU A 77 11.87 18.16 -28.31
C GLU A 77 13.18 18.53 -29.00
N HIS A 78 13.99 17.53 -29.31
CA HIS A 78 15.30 17.75 -29.93
C HIS A 78 15.33 17.25 -31.37
N MET A 79 14.16 16.90 -31.89
CA MET A 79 14.06 16.42 -33.27
C MET A 79 13.31 17.43 -34.11
N ASP A 80 13.79 17.68 -35.33
CA ASP A 80 13.09 18.59 -36.22
C ASP A 80 11.94 17.86 -36.92
N ALA A 81 11.35 18.50 -37.92
CA ALA A 81 10.20 17.95 -38.60
C ALA A 81 10.55 16.66 -39.35
N GLU A 82 11.81 16.55 -39.76
CA GLU A 82 12.24 15.39 -40.55
C GLU A 82 12.83 14.29 -39.67
N GLY A 83 12.87 14.52 -38.36
CA GLY A 83 13.35 13.51 -37.42
C GLY A 83 14.84 13.54 -37.16
N ASN A 84 15.49 14.63 -37.57
CA ASN A 84 16.91 14.84 -37.29
C ASN A 84 17.14 15.34 -35.86
N VAL A 85 18.07 14.72 -35.16
CA VAL A 85 18.35 15.12 -33.78
C VAL A 85 19.33 16.29 -33.74
N ASP A 86 18.99 17.31 -32.94
CA ASP A 86 19.89 18.46 -32.73
CA ASP A 86 19.88 18.46 -32.72
C ASP A 86 21.28 17.99 -32.31
N GLU A 87 22.30 18.52 -32.98
CA GLU A 87 23.66 18.05 -32.73
C GLU A 87 24.13 18.32 -31.30
N ALA A 88 23.82 19.49 -30.76
CA ALA A 88 24.24 19.80 -29.39
C ALA A 88 23.62 18.80 -28.40
N TRP A 89 22.36 18.44 -28.60
CA TRP A 89 21.72 17.46 -27.72
C TRP A 89 22.40 16.10 -27.80
N MET A 90 22.60 15.61 -29.03
CA MET A 90 23.25 14.32 -29.22
C MET A 90 24.65 14.32 -28.61
N MET A 91 25.36 15.45 -28.73
CA MET A 91 26.72 15.49 -28.23
C MET A 91 26.74 15.59 -26.70
N ARG A 92 25.68 16.12 -26.12
CA ARG A 92 25.56 16.16 -24.66
C ARG A 92 25.28 14.75 -24.12
N VAL A 93 24.46 13.98 -24.83
CA VAL A 93 24.24 12.58 -24.47
C VAL A 93 25.57 11.83 -24.53
N LYS A 94 26.30 12.06 -25.62
CA LYS A 94 27.61 11.45 -25.81
C LYS A 94 28.59 11.86 -24.70
N ALA A 95 28.49 13.12 -24.26
CA ALA A 95 29.39 13.64 -23.23
C ALA A 95 29.18 12.93 -21.89
N ILE A 96 27.92 12.68 -21.57
CA ILE A 96 27.57 12.03 -20.31
C ILE A 96 27.94 10.55 -20.35
N VAL A 97 27.71 9.91 -21.50
CA VAL A 97 28.20 8.55 -21.71
C VAL A 97 29.71 8.50 -21.48
N GLU A 98 30.43 9.49 -22.00
CA GLU A 98 31.87 9.53 -21.85
C GLU A 98 32.29 9.65 -20.38
N TYR A 99 31.59 10.47 -19.59
CA TYR A 99 31.82 10.51 -18.14
C TYR A 99 31.78 9.09 -17.58
N ALA A 100 30.74 8.35 -17.97
CA ALA A 100 30.48 7.02 -17.41
C ALA A 100 31.53 6.02 -17.84
N MET A 101 31.93 6.07 -19.11
CA MET A 101 33.00 5.20 -19.61
C MET A 101 34.30 5.46 -18.86
N ASN A 102 34.64 6.74 -18.70
CA ASN A 102 35.84 7.14 -17.97
C ASN A 102 35.88 6.58 -16.55
N ALA A 103 34.72 6.56 -15.91
CA ALA A 103 34.61 6.12 -14.53
C ALA A 103 34.62 4.60 -14.42
N GLY A 104 34.51 3.91 -15.55
CA GLY A 104 34.54 2.46 -15.56
C GLY A 104 33.17 1.82 -15.41
N LEU A 105 32.12 2.63 -15.49
CA LEU A 105 30.75 2.15 -15.40
C LEU A 105 30.27 1.50 -16.70
N TYR A 106 29.32 0.58 -16.59
CA TYR A 106 28.43 0.28 -17.70
C TYR A 106 27.43 1.41 -17.83
N ALA A 107 27.01 1.72 -19.05
CA ALA A 107 25.99 2.75 -19.24
C ALA A 107 24.91 2.27 -20.19
N ILE A 108 23.68 2.68 -19.91
CA ILE A 108 22.55 2.42 -20.78
C ILE A 108 21.94 3.73 -21.27
N VAL A 109 21.81 3.87 -22.59
CA VAL A 109 21.11 5.00 -23.17
C VAL A 109 19.82 4.51 -23.80
N ASN A 110 18.71 5.18 -23.50
CA ASN A 110 17.43 4.76 -24.04
C ASN A 110 16.65 5.88 -24.75
N VAL A 111 15.44 5.52 -25.14
CA VAL A 111 14.42 6.46 -25.59
C VAL A 111 13.33 6.44 -24.51
N HIS A 112 13.16 7.55 -23.79
CA HIS A 112 12.37 7.51 -22.55
C HIS A 112 10.95 8.06 -22.69
N HIS A 113 10.74 9.34 -22.38
CA HIS A 113 9.37 9.88 -22.36
C HIS A 113 8.81 10.16 -23.74
N ASP A 114 9.51 9.68 -24.77
CA ASP A 114 8.92 9.53 -26.10
C ASP A 114 7.90 8.39 -26.07
N THR A 115 7.94 7.60 -25.00
CA THR A 115 6.91 6.60 -24.70
C THR A 115 6.07 7.02 -23.50
N ALA A 116 4.90 6.38 -23.39
CA ALA A 116 4.03 6.33 -22.21
C ALA A 116 2.95 7.41 -22.18
N ALA A 117 2.65 7.91 -20.99
CA ALA A 117 1.37 8.57 -20.75
C ALA A 117 1.45 10.08 -20.74
N GLY A 118 2.65 10.62 -20.94
CA GLY A 118 2.85 12.05 -20.92
C GLY A 118 2.62 12.71 -22.26
N SER A 119 2.45 14.03 -22.24
CA SER A 119 2.33 14.80 -23.46
C SER A 119 3.62 14.71 -24.26
N GLY A 120 3.50 14.56 -25.57
CA GLY A 120 4.69 14.50 -26.41
C GLY A 120 5.12 13.09 -26.76
N ALA A 121 4.66 12.11 -26.00
CA ALA A 121 4.93 10.71 -26.32
C ALA A 121 4.38 10.37 -27.69
N TRP A 122 5.18 9.71 -28.52
CA TRP A 122 4.81 9.46 -29.91
C TRP A 122 4.99 8.00 -30.31
N ILE A 123 5.68 7.23 -29.47
CA ILE A 123 5.88 5.81 -29.69
C ILE A 123 4.86 5.05 -28.86
N LYS A 124 3.93 4.38 -29.53
CA LYS A 124 2.80 3.73 -28.83
C LYS A 124 2.51 2.33 -29.39
N ALA A 125 2.17 1.40 -28.50
CA ALA A 125 1.78 0.06 -28.90
C ALA A 125 0.37 0.09 -29.51
N ASP A 126 0.30 0.63 -30.73
CA ASP A 126 -0.95 0.86 -31.42
C ASP A 126 -0.70 0.68 -32.92
N THR A 127 -1.62 0.01 -33.60
CA THR A 127 -1.43 -0.31 -35.01
CA THR A 127 -1.45 -0.32 -35.01
C THR A 127 -1.20 0.91 -35.87
N ASP A 128 -2.07 1.90 -35.75
CA ASP A 128 -1.97 3.13 -36.55
C ASP A 128 -0.68 3.90 -36.23
N VAL A 129 -0.37 4.04 -34.95
CA VAL A 129 0.81 4.79 -34.54
C VAL A 129 2.10 4.14 -35.04
N TYR A 130 2.21 2.82 -34.86
CA TYR A 130 3.39 2.12 -35.33
C TYR A 130 3.61 2.37 -36.82
N ALA A 131 2.55 2.21 -37.60
CA ALA A 131 2.61 2.42 -39.04
C ALA A 131 3.12 3.82 -39.37
N ALA A 132 2.65 4.81 -38.62
CA ALA A 132 2.97 6.20 -38.91
C ALA A 132 4.32 6.65 -38.35
N THR A 133 4.90 5.88 -37.42
CA THR A 133 6.10 6.33 -36.72
C THR A 133 7.29 5.38 -36.84
N LYS A 134 7.08 4.26 -37.51
CA LYS A 134 8.09 3.21 -37.62
C LYS A 134 9.40 3.69 -38.24
N GLU A 135 9.32 4.47 -39.31
CA GLU A 135 10.53 4.91 -39.98
C GLU A 135 11.18 6.05 -39.21
N LYS A 136 10.37 6.88 -38.57
CA LYS A 136 10.88 7.92 -37.68
C LYS A 136 11.70 7.30 -36.54
N PHE A 137 11.16 6.22 -35.99
CA PHE A 137 11.80 5.49 -34.89
C PHE A 137 13.12 4.90 -35.34
N LYS A 138 13.11 4.24 -36.48
CA LYS A 138 14.34 3.65 -37.02
C LYS A 138 15.36 4.72 -37.38
N LYS A 139 14.89 5.87 -37.86
CA LYS A 139 15.81 6.96 -38.19
C LYS A 139 16.45 7.54 -36.93
N LEU A 140 15.67 7.64 -35.86
CA LEU A 140 16.20 8.05 -34.56
C LEU A 140 17.30 7.10 -34.05
N TRP A 141 17.03 5.80 -34.09
CA TRP A 141 18.01 4.86 -33.55
C TRP A 141 19.25 4.76 -34.43
N THR A 142 19.09 4.96 -35.73
CA THR A 142 20.23 5.00 -36.65
C THR A 142 21.16 6.15 -36.26
N GLN A 143 20.57 7.31 -36.00
CA GLN A 143 21.33 8.48 -35.56
C GLN A 143 22.02 8.25 -34.22
N ILE A 144 21.31 7.68 -33.25
CA ILE A 144 21.90 7.44 -31.94
C ILE A 144 23.02 6.42 -32.05
N ALA A 145 22.77 5.34 -32.78
CA ALA A 145 23.75 4.27 -32.90
C ALA A 145 25.02 4.78 -33.59
N ASN A 146 24.85 5.59 -34.63
CA ASN A 146 26.00 6.18 -35.30
C ASN A 146 26.80 7.13 -34.41
N ALA A 147 26.11 7.98 -33.64
CA ALA A 147 26.80 8.97 -32.83
C ALA A 147 27.57 8.33 -31.68
N LEU A 148 27.05 7.22 -31.17
CA LEU A 148 27.65 6.54 -30.03
C LEU A 148 28.42 5.28 -30.45
N ALA A 149 28.61 5.12 -31.75
CA ALA A 149 29.14 3.87 -32.31
C ALA A 149 30.49 3.47 -31.76
N ASP A 150 31.32 4.46 -31.44
CA ASP A 150 32.72 4.22 -31.09
C ASP A 150 32.94 3.69 -29.67
N TYR A 151 31.94 3.82 -28.81
CA TYR A 151 32.04 3.30 -27.45
C TYR A 151 32.04 1.78 -27.43
N ASP A 152 32.76 1.19 -26.47
CA ASP A 152 32.89 -0.27 -26.46
C ASP A 152 31.68 -0.94 -25.79
N GLN A 153 31.88 -2.18 -25.36
CA GLN A 153 30.79 -3.02 -24.88
C GLN A 153 30.17 -2.54 -23.57
N HIS A 154 30.83 -1.59 -22.89
CA HIS A 154 30.28 -1.08 -21.64
C HIS A 154 29.05 -0.20 -21.87
N LEU A 155 28.86 0.23 -23.12
CA LEU A 155 27.68 1.01 -23.47
C LEU A 155 26.64 0.11 -24.11
N LEU A 156 25.41 0.13 -23.58
CA LEU A 156 24.29 -0.58 -24.15
C LEU A 156 23.21 0.40 -24.62
N PHE A 157 22.44 -0.02 -25.62
CA PHE A 157 21.27 0.75 -26.08
C PHE A 157 20.00 0.06 -25.61
N GLU A 158 19.02 0.85 -25.19
CA GLU A 158 17.69 0.36 -24.80
C GLU A 158 16.64 1.01 -25.70
N GLY A 159 15.93 0.19 -26.47
CA GLY A 159 15.06 0.69 -27.53
C GLY A 159 13.99 1.69 -27.14
N TYR A 160 13.30 1.43 -26.03
CA TYR A 160 12.16 2.25 -25.62
C TYR A 160 11.87 1.95 -24.15
N ASN A 161 11.34 2.94 -23.43
CA ASN A 161 11.15 2.84 -21.99
C ASN A 161 9.87 2.07 -21.59
N GLU A 162 8.76 2.78 -21.58
CA GLU A 162 7.49 2.19 -21.16
C GLU A 162 6.42 2.44 -22.21
N MET A 163 6.45 1.64 -23.27
CA MET A 163 5.50 1.78 -24.36
C MET A 163 4.11 1.35 -23.93
N LEU A 164 3.12 2.21 -24.19
CA LEU A 164 1.72 1.93 -23.85
C LEU A 164 0.84 1.98 -25.09
N ASP A 165 -0.39 1.49 -24.99
CA ASP A 165 -1.31 1.58 -26.12
C ASP A 165 -1.88 3.00 -26.24
N GLY A 166 -2.83 3.17 -27.15
CA GLY A 166 -3.41 4.47 -27.43
C GLY A 166 -4.12 5.09 -26.25
N ASN A 167 -4.58 4.26 -25.31
CA ASN A 167 -5.27 4.75 -24.13
C ASN A 167 -4.34 4.86 -22.93
N ASN A 168 -3.04 4.75 -23.18
CA ASN A 168 -2.04 4.79 -22.11
C ASN A 168 -2.33 3.79 -21.01
N SER A 169 -2.65 2.56 -21.41
CA SER A 169 -3.00 1.52 -20.46
C SER A 169 -1.78 0.94 -19.76
N TRP A 170 -1.62 1.24 -18.49
CA TRP A 170 -0.53 0.68 -17.71
C TRP A 170 -0.75 -0.82 -17.51
N ASP A 171 0.34 -1.52 -17.19
CA ASP A 171 0.32 -2.94 -16.83
C ASP A 171 0.08 -3.88 -18.01
N GLU A 172 -0.91 -3.59 -18.84
CA GLU A 172 -1.33 -4.50 -19.91
CA GLU A 172 -1.18 -4.43 -19.99
C GLU A 172 -2.10 -3.75 -20.99
N PRO A 173 -1.93 -4.09 -22.28
CA PRO A 173 -2.71 -3.42 -23.31
C PRO A 173 -4.17 -3.87 -23.33
N GLN A 174 -5.06 -3.02 -23.83
CA GLN A 174 -6.47 -3.36 -23.90
C GLN A 174 -6.74 -4.32 -25.05
N LYS A 175 -5.89 -4.25 -26.08
CA LYS A 175 -6.05 -5.05 -27.28
C LYS A 175 -4.77 -5.83 -27.59
N ALA A 176 -4.92 -7.05 -28.10
CA ALA A 176 -3.75 -7.88 -28.41
C ALA A 176 -2.89 -7.28 -29.53
N SER A 177 -3.49 -6.44 -30.37
CA SER A 177 -2.72 -5.77 -31.43
C SER A 177 -1.62 -4.89 -30.83
N GLY A 178 -1.79 -4.52 -29.56
CA GLY A 178 -0.79 -3.75 -28.85
C GLY A 178 0.51 -4.52 -28.75
N TYR A 179 0.41 -5.82 -28.51
CA TYR A 179 1.59 -6.68 -28.45
C TYR A 179 2.30 -6.76 -29.79
N GLU A 180 1.52 -6.82 -30.89
CA GLU A 180 2.10 -6.84 -32.22
C GLU A 180 2.95 -5.61 -32.46
N ALA A 181 2.37 -4.45 -32.18
CA ALA A 181 3.06 -3.17 -32.36
C ALA A 181 4.36 -3.13 -31.57
N LEU A 182 4.31 -3.56 -30.32
CA LEU A 182 5.51 -3.55 -29.49
C LEU A 182 6.61 -4.46 -30.06
N ASN A 183 6.23 -5.67 -30.41
CA ASN A 183 7.18 -6.63 -30.95
C ASN A 183 7.77 -6.12 -32.25
N ASN A 184 6.96 -5.42 -33.04
CA ASN A 184 7.44 -4.83 -34.30
C ASN A 184 8.46 -3.71 -34.06
N TYR A 185 8.13 -2.78 -33.17
CA TYR A 185 9.09 -1.74 -32.75
C TYR A 185 10.40 -2.35 -32.26
N ALA A 186 10.29 -3.38 -31.43
CA ALA A 186 11.46 -4.04 -30.86
C ALA A 186 12.37 -4.57 -31.96
N GLN A 187 11.78 -5.21 -32.97
CA GLN A 187 12.57 -5.72 -34.08
C GLN A 187 13.20 -4.59 -34.89
N ASP A 188 12.43 -3.54 -35.11
CA ASP A 188 12.91 -2.39 -35.86
C ASP A 188 14.11 -1.75 -35.17
N PHE A 189 14.06 -1.75 -33.83
CA PHE A 189 15.15 -1.20 -33.02
C PHE A 189 16.42 -2.01 -33.23
N VAL A 190 16.30 -3.34 -33.10
CA VAL A 190 17.46 -4.20 -33.27
C VAL A 190 18.01 -4.07 -34.69
N ASP A 191 17.12 -4.12 -35.68
CA ASP A 191 17.53 -4.01 -37.07
C ASP A 191 18.30 -2.72 -37.36
N ALA A 192 17.78 -1.58 -36.89
CA ALA A 192 18.38 -0.29 -37.18
C ALA A 192 19.76 -0.13 -36.56
N VAL A 193 19.90 -0.58 -35.31
CA VAL A 193 21.20 -0.52 -34.65
C VAL A 193 22.23 -1.42 -35.32
N ARG A 194 21.86 -2.68 -35.57
CA ARG A 194 22.80 -3.63 -36.17
C ARG A 194 23.27 -3.20 -37.56
N ALA A 195 22.38 -2.54 -38.30
CA ALA A 195 22.71 -2.10 -39.66
C ALA A 195 23.86 -1.11 -39.70
N THR A 196 24.10 -0.40 -38.59
CA THR A 196 25.15 0.60 -38.57
C THR A 196 26.54 -0.05 -38.48
N GLY A 197 26.56 -1.34 -38.12
CA GLY A 197 27.81 -2.10 -38.09
C GLY A 197 28.79 -1.60 -37.05
N GLY A 198 30.08 -1.86 -37.28
CA GLY A 198 31.11 -1.53 -36.30
C GLY A 198 30.81 -2.22 -34.99
N ASN A 199 31.07 -1.53 -33.88
CA ASN A 199 30.78 -2.08 -32.55
C ASN A 199 29.30 -2.38 -32.35
N ASN A 200 28.44 -1.69 -33.11
CA ASN A 200 27.00 -1.91 -33.01
C ASN A 200 26.56 -3.26 -33.58
N ALA A 201 27.47 -3.95 -34.25
CA ALA A 201 27.15 -5.27 -34.79
C ALA A 201 26.97 -6.29 -33.68
N THR A 202 27.67 -6.10 -32.57
CA THR A 202 27.64 -7.07 -31.47
C THR A 202 27.30 -6.43 -30.13
N ARG A 203 27.00 -5.14 -30.14
CA ARG A 203 26.68 -4.43 -28.90
C ARG A 203 25.47 -5.08 -28.22
N ASN A 204 25.53 -5.16 -26.89
CA ASN A 204 24.41 -5.71 -26.15
C ASN A 204 23.27 -4.70 -26.13
N LEU A 205 22.07 -5.15 -26.52
CA LEU A 205 20.92 -4.27 -26.64
C LEU A 205 19.81 -4.71 -25.70
N ILE A 206 18.96 -3.77 -25.30
CA ILE A 206 17.93 -4.05 -24.32
C ILE A 206 16.54 -3.76 -24.88
N VAL A 207 15.65 -4.74 -24.76
CA VAL A 207 14.29 -4.58 -25.22
CA VAL A 207 14.28 -4.62 -25.24
C VAL A 207 13.32 -4.74 -24.06
N ASN A 208 12.40 -3.80 -23.94
CA ASN A 208 11.46 -3.81 -22.82
C ASN A 208 10.11 -4.43 -23.17
N THR A 209 9.47 -5.01 -22.18
CA THR A 209 8.13 -5.55 -22.33
C THR A 209 7.12 -4.41 -22.39
N TYR A 210 5.88 -4.73 -22.76
CA TYR A 210 4.81 -3.74 -22.72
C TYR A 210 4.77 -3.08 -21.35
N ALA A 211 4.81 -1.75 -21.35
CA ALA A 211 4.78 -0.93 -20.14
C ALA A 211 5.94 -1.23 -19.20
N ALA A 212 6.92 -2.02 -19.67
CA ALA A 212 7.94 -2.61 -18.81
C ALA A 212 7.28 -3.42 -17.68
N ALA A 213 6.11 -3.96 -17.97
CA ALA A 213 5.35 -4.73 -16.98
C ALA A 213 5.77 -6.20 -16.97
N LYS A 214 5.24 -6.95 -16.00
CA LYS A 214 5.77 -8.27 -15.68
C LYS A 214 4.71 -9.36 -15.52
N GLY A 215 3.47 -9.04 -15.86
CA GLY A 215 2.37 -9.97 -15.66
C GLY A 215 2.33 -11.10 -16.68
N GLU A 216 1.45 -12.07 -16.43
CA GLU A 216 1.38 -13.29 -17.23
C GLU A 216 1.14 -13.02 -18.72
N ASN A 217 0.17 -12.18 -19.04
CA ASN A 217 -0.15 -11.91 -20.44
C ASN A 217 0.93 -11.11 -21.17
N VAL A 218 1.56 -10.18 -20.46
CA VAL A 218 2.60 -9.34 -21.07
C VAL A 218 3.84 -10.18 -21.40
N LEU A 219 4.19 -11.10 -20.51
CA LEU A 219 5.35 -11.97 -20.76
C LEU A 219 5.04 -13.01 -21.84
N ASN A 220 3.85 -13.60 -21.80
CA ASN A 220 3.51 -14.63 -22.78
CA ASN A 220 3.49 -14.62 -22.77
C ASN A 220 3.41 -14.06 -24.20
N ASN A 221 3.03 -12.79 -24.31
CA ASN A 221 2.88 -12.19 -25.63
C ASN A 221 4.07 -11.30 -26.05
N PHE A 222 5.11 -11.32 -25.23
CA PHE A 222 6.38 -10.71 -25.61
C PHE A 222 7.11 -11.61 -26.60
N MET A 223 7.66 -11.02 -27.66
CA MET A 223 8.47 -11.78 -28.60
C MET A 223 9.83 -11.10 -28.77
N LEU A 224 10.88 -11.78 -28.33
CA LEU A 224 12.23 -11.28 -28.50
C LEU A 224 12.52 -11.14 -29.97
N PRO A 225 13.13 -10.02 -30.39
CA PRO A 225 13.51 -9.83 -31.79
C PRO A 225 14.50 -10.88 -32.27
N THR A 226 14.51 -11.15 -33.57
CA THR A 226 15.51 -12.01 -34.16
CA THR A 226 15.52 -12.01 -34.16
C THR A 226 16.81 -11.22 -34.33
N ASP A 227 17.93 -11.86 -34.04
CA ASP A 227 19.23 -11.19 -34.09
C ASP A 227 20.20 -12.11 -34.82
N ALA A 228 20.96 -11.57 -35.76
CA ALA A 228 21.90 -12.38 -36.52
C ALA A 228 23.09 -12.83 -35.68
N VAL A 229 23.31 -12.17 -34.54
CA VAL A 229 24.38 -12.59 -33.63
C VAL A 229 23.80 -13.20 -32.36
N ASN A 230 24.59 -13.99 -31.66
CA ASN A 230 24.12 -14.74 -30.50
C ASN A 230 24.30 -14.01 -29.17
N ASN A 231 23.28 -14.10 -28.32
CA ASN A 231 23.41 -13.71 -26.91
C ASN A 231 23.84 -12.26 -26.70
N HIS A 232 23.22 -11.36 -27.46
CA HIS A 232 23.49 -9.94 -27.27
C HIS A 232 22.20 -9.15 -27.07
N LEU A 233 21.17 -9.81 -26.54
CA LEU A 233 19.91 -9.15 -26.20
C LEU A 233 19.55 -9.36 -24.74
N ILE A 234 19.07 -8.30 -24.10
CA ILE A 234 18.58 -8.35 -22.71
C ILE A 234 17.14 -7.84 -22.66
N VAL A 235 16.29 -8.45 -21.83
CA VAL A 235 14.94 -7.93 -21.65
CA VAL A 235 14.93 -7.95 -21.64
C VAL A 235 14.84 -7.11 -20.36
N GLN A 236 14.08 -6.02 -20.40
CA GLN A 236 13.95 -5.14 -19.24
C GLN A 236 12.51 -4.96 -18.78
N VAL A 237 12.32 -5.00 -17.47
CA VAL A 237 11.04 -4.69 -16.83
C VAL A 237 11.29 -3.72 -15.68
N HIS A 238 10.22 -3.13 -15.18
CA HIS A 238 10.32 -2.20 -14.05
C HIS A 238 9.49 -2.72 -12.90
N SER A 239 9.69 -2.17 -11.70
CA SER A 239 8.96 -2.66 -10.53
C SER A 239 8.84 -1.63 -9.41
N TYR A 240 7.61 -1.34 -9.02
CA TYR A 240 7.37 -0.56 -7.82
C TYR A 240 6.40 -1.36 -6.96
N ASP A 241 6.60 -2.68 -6.98
CA ASP A 241 5.72 -3.65 -6.32
C ASP A 241 6.07 -3.89 -4.86
N PRO A 242 5.05 -4.16 -4.02
CA PRO A 242 3.62 -4.10 -4.36
C PRO A 242 3.18 -2.66 -4.53
N TRP A 243 2.31 -2.40 -5.51
CA TRP A 243 1.92 -1.04 -5.82
C TRP A 243 1.50 -0.29 -4.56
N ASN A 244 2.05 0.90 -4.40
CA ASN A 244 1.70 1.83 -3.32
C ASN A 244 2.09 1.34 -1.92
N PHE A 245 3.02 0.39 -1.84
CA PHE A 245 3.45 -0.14 -0.55
C PHE A 245 4.00 0.96 0.35
N PHE A 246 4.56 2.01 -0.24
CA PHE A 246 5.18 3.08 0.53
C PHE A 246 4.14 3.84 1.34
N ASN A 247 2.90 3.80 0.88
CA ASN A 247 1.80 4.48 1.54
C ASN A 247 0.96 3.58 2.45
N THR A 248 0.90 2.29 2.12
CA THR A 248 -0.02 1.38 2.81
C THR A 248 0.67 0.51 3.86
N LYS A 249 1.99 0.38 3.78
CA LYS A 249 2.73 -0.50 4.67
C LYS A 249 3.54 0.27 5.69
N THR A 250 3.76 -0.31 6.86
CA THR A 250 4.63 0.28 7.85
C THR A 250 6.01 -0.39 7.79
N THR A 251 6.03 -1.64 7.35
CA THR A 251 7.29 -2.38 7.18
C THR A 251 7.28 -3.20 5.90
N TRP A 252 8.47 -3.50 5.38
CA TRP A 252 8.60 -4.42 4.26
C TRP A 252 8.26 -5.82 4.77
N ASP A 253 6.99 -6.17 4.70
CA ASP A 253 6.51 -7.38 5.37
C ASP A 253 6.54 -8.61 4.47
N SER A 254 6.03 -9.71 4.99
CA SER A 254 6.06 -10.98 4.27
CA SER A 254 6.03 -10.98 4.28
C SER A 254 5.30 -10.89 2.95
N GLU A 255 4.24 -10.08 2.91
CA GLU A 255 3.48 -9.92 1.68
C GLU A 255 4.33 -9.20 0.63
N CYS A 256 5.01 -8.14 1.06
CA CYS A 256 5.95 -7.44 0.20
C CYS A 256 7.02 -8.41 -0.32
N HIS A 257 7.62 -9.16 0.60
CA HIS A 257 8.70 -10.07 0.26
C HIS A 257 8.24 -11.18 -0.68
N ASN A 258 7.10 -11.81 -0.37
CA ASN A 258 6.59 -12.88 -1.22
C ASN A 258 6.21 -12.38 -2.60
N THR A 259 5.70 -11.14 -2.65
CA THR A 259 5.32 -10.53 -3.92
C THR A 259 6.53 -10.40 -4.84
N LEU A 260 7.63 -9.87 -4.31
CA LEU A 260 8.88 -9.76 -5.07
C LEU A 260 9.42 -11.12 -5.50
N THR A 261 9.41 -12.07 -4.58
CA THR A 261 9.92 -13.41 -4.88
CA THR A 261 9.88 -13.43 -4.84
C THR A 261 9.12 -14.07 -6.00
N GLU A 262 7.80 -13.87 -6.00
CA GLU A 262 6.94 -14.40 -7.06
C GLU A 262 7.27 -13.77 -8.41
N ILE A 263 7.56 -12.47 -8.39
CA ILE A 263 7.85 -11.73 -9.61
C ILE A 263 9.12 -12.26 -10.27
N PHE A 264 10.18 -12.42 -9.49
CA PHE A 264 11.43 -12.95 -10.01
C PHE A 264 11.25 -14.39 -10.50
N SER A 265 10.47 -15.17 -9.75
CA SER A 265 10.17 -16.54 -10.16
C SER A 265 9.49 -16.58 -11.52
N ALA A 266 8.54 -15.67 -11.73
CA ALA A 266 7.82 -15.61 -13.00
C ALA A 266 8.76 -15.20 -14.15
N LEU A 267 9.65 -14.25 -13.88
CA LEU A 267 10.58 -13.79 -14.90
C LEU A 267 11.59 -14.88 -15.28
N SER A 268 12.16 -15.54 -14.27
CA SER A 268 13.16 -16.57 -14.52
C SER A 268 12.55 -17.78 -15.23
N LYS A 269 11.31 -18.10 -14.91
CA LYS A 269 10.59 -19.18 -15.57
C LYS A 269 10.34 -18.85 -17.04
N LYS A 270 10.02 -17.59 -17.31
CA LYS A 270 9.77 -17.13 -18.67
C LYS A 270 11.06 -17.01 -19.49
N PHE A 271 12.06 -16.34 -18.93
CA PHE A 271 13.29 -16.10 -19.68
C PHE A 271 14.40 -17.04 -19.24
N THR A 272 14.45 -18.18 -19.92
CA THR A 272 15.35 -19.27 -19.55
C THR A 272 16.74 -19.10 -20.17
N THR A 273 16.78 -18.57 -21.39
CA THR A 273 18.04 -18.49 -22.14
C THR A 273 18.58 -17.08 -22.25
N ILE A 274 17.75 -16.07 -21.97
CA ILE A 274 18.23 -14.69 -22.03
C ILE A 274 18.11 -14.02 -20.67
N PRO A 275 19.04 -13.10 -20.37
CA PRO A 275 18.98 -12.42 -19.08
C PRO A 275 17.91 -11.34 -19.06
N TYR A 276 17.44 -10.99 -17.88
CA TYR A 276 16.54 -9.86 -17.72
C TYR A 276 17.07 -8.96 -16.63
N ILE A 277 16.71 -7.68 -16.68
CA ILE A 277 17.08 -6.74 -15.62
C ILE A 277 15.87 -5.99 -15.08
N ILE A 278 15.98 -5.56 -13.82
CA ILE A 278 15.00 -4.65 -13.26
C ILE A 278 15.54 -3.23 -13.48
N GLY A 279 15.11 -2.61 -14.56
CA GLY A 279 15.72 -1.37 -15.03
C GLY A 279 15.36 -0.14 -14.25
N ALA A 280 14.30 -0.22 -13.45
CA ALA A 280 13.88 0.88 -12.59
C ALA A 280 13.03 0.34 -11.46
N TYR A 281 13.37 0.70 -10.23
CA TYR A 281 12.57 0.32 -9.09
C TYR A 281 12.71 1.36 -7.99
N GLY A 282 11.76 1.37 -7.07
CA GLY A 282 11.78 2.31 -5.97
C GLY A 282 10.47 2.36 -5.20
N THR A 283 10.32 3.37 -4.37
CA THR A 283 9.16 3.46 -3.49
C THR A 283 8.00 4.25 -4.11
N HIS A 284 8.21 4.75 -5.33
CA HIS A 284 7.23 5.63 -5.98
C HIS A 284 5.86 4.99 -6.13
N GLY A 285 4.86 5.62 -5.51
CA GLY A 285 3.51 5.06 -5.51
C GLY A 285 2.45 6.05 -5.97
N GLU A 286 1.30 6.01 -5.30
CA GLU A 286 0.17 6.85 -5.66
CA GLU A 286 0.18 6.85 -5.67
C GLU A 286 0.56 8.33 -5.63
N SER A 287 0.23 9.03 -6.71
CA SER A 287 0.56 10.45 -6.90
C SER A 287 2.07 10.64 -6.90
N ASP A 288 2.78 9.57 -7.25
CA ASP A 288 4.24 9.53 -7.26
C ASP A 288 4.87 9.98 -5.95
N ILE A 289 4.19 9.73 -4.85
CA ILE A 289 4.80 9.92 -3.53
C ILE A 289 5.96 8.94 -3.38
N SER A 290 7.11 9.44 -2.96
CA SER A 290 8.29 8.61 -2.81
C SER A 290 9.13 9.03 -1.62
N VAL A 291 10.06 8.17 -1.21
CA VAL A 291 10.89 8.44 -0.05
C VAL A 291 11.90 9.55 -0.33
N SER A 292 12.24 10.31 0.72
CA SER A 292 13.30 11.30 0.64
C SER A 292 14.01 11.32 1.99
N LYS A 293 15.03 12.15 2.14
CA LYS A 293 15.80 12.23 3.38
CA LYS A 293 15.78 12.16 3.40
C LYS A 293 14.99 12.85 4.51
N SER A 294 13.86 13.46 4.16
CA SER A 294 13.00 14.09 5.17
C SER A 294 11.85 13.15 5.55
N SER A 295 11.86 11.95 4.99
CA SER A 295 10.89 10.93 5.37
C SER A 295 11.21 10.38 6.76
N PRO A 296 10.19 9.97 7.51
CA PRO A 296 10.41 9.35 8.82
C PRO A 296 11.32 8.12 8.73
N ALA A 297 12.09 7.85 9.79
CA ALA A 297 13.02 6.74 9.82
C ALA A 297 12.39 5.40 9.44
N GLU A 298 11.14 5.20 9.83
CA GLU A 298 10.45 3.95 9.52
C GLU A 298 10.18 3.84 8.03
N LYS A 299 9.97 4.98 7.38
CA LYS A 299 9.74 5.02 5.94
C LYS A 299 11.05 4.84 5.17
N ILE A 300 12.13 5.40 5.70
CA ILE A 300 13.44 5.22 5.10
C ILE A 300 13.87 3.75 5.27
N LYS A 301 13.51 3.15 6.40
CA LYS A 301 13.79 1.74 6.64
C LYS A 301 12.99 0.88 5.65
N LEU A 302 11.78 1.31 5.37
CA LEU A 302 10.92 0.64 4.40
C LEU A 302 11.57 0.66 3.01
N ALA A 303 12.14 1.80 2.65
CA ALA A 303 12.86 1.94 1.39
C ALA A 303 14.10 1.06 1.37
N ALA A 304 14.84 1.05 2.47
CA ALA A 304 16.07 0.26 2.56
C ALA A 304 15.78 -1.23 2.43
N ASP A 305 14.72 -1.69 3.10
CA ASP A 305 14.37 -3.10 3.08
C ASP A 305 13.91 -3.54 1.69
N GLN A 306 13.19 -2.67 0.98
CA GLN A 306 12.80 -2.98 -0.39
C GLN A 306 14.06 -3.19 -1.23
N ALA A 307 14.94 -2.21 -1.18
CA ALA A 307 16.16 -2.22 -1.99
C ALA A 307 17.02 -3.44 -1.67
N ALA A 308 17.16 -3.73 -0.38
CA ALA A 308 17.97 -4.86 0.05
C ALA A 308 17.41 -6.15 -0.55
N ASP A 309 16.09 -6.29 -0.50
CA ASP A 309 15.43 -7.49 -1.01
C ASP A 309 15.55 -7.55 -2.54
N MET A 310 15.29 -6.43 -3.20
CA MET A 310 15.40 -6.33 -4.66
C MET A 310 16.78 -6.74 -5.17
N VAL A 311 17.82 -6.23 -4.52
CA VAL A 311 19.19 -6.52 -4.92
C VAL A 311 19.53 -8.00 -4.74
N LYS A 312 19.18 -8.57 -3.58
CA LYS A 312 19.54 -9.95 -3.30
C LYS A 312 18.81 -10.93 -4.21
N LEU A 313 17.50 -10.73 -4.38
CA LEU A 313 16.71 -11.57 -5.28
C LEU A 313 17.28 -11.52 -6.69
N ALA A 314 17.63 -10.32 -7.15
CA ALA A 314 18.18 -10.16 -8.49
C ALA A 314 19.50 -10.92 -8.66
N LYS A 315 20.37 -10.82 -7.67
CA LYS A 315 21.62 -11.58 -7.69
C LYS A 315 21.33 -13.08 -7.75
N ASP A 316 20.42 -13.55 -6.90
CA ASP A 316 20.01 -14.96 -6.89
C ASP A 316 19.53 -15.42 -8.26
N HIS A 317 18.83 -14.54 -8.97
CA HIS A 317 18.22 -14.90 -10.24
C HIS A 317 19.05 -14.48 -11.46
N HIS A 318 20.33 -14.22 -11.24
CA HIS A 318 21.24 -13.83 -12.33
C HIS A 318 20.70 -12.62 -13.09
N SER A 319 20.23 -11.63 -12.34
CA SER A 319 19.67 -10.42 -12.90
C SER A 319 20.48 -9.22 -12.42
N ALA A 320 19.93 -8.03 -12.60
CA ALA A 320 20.57 -6.80 -12.13
C ALA A 320 19.52 -5.73 -11.95
N THR A 321 19.81 -4.73 -11.11
CA THR A 321 18.82 -3.72 -10.76
C THR A 321 19.38 -2.31 -10.91
N PHE A 322 18.48 -1.36 -11.19
CA PHE A 322 18.84 0.04 -11.30
C PHE A 322 17.89 0.88 -10.46
N TYR A 323 18.41 1.51 -9.41
CA TYR A 323 17.55 2.28 -8.52
C TYR A 323 17.00 3.53 -9.21
N TRP A 324 15.69 3.76 -9.10
CA TRP A 324 15.12 4.97 -9.67
C TRP A 324 15.30 6.18 -8.74
N MET A 325 16.40 6.90 -8.94
CA MET A 325 16.60 8.29 -8.51
C MET A 325 16.90 8.56 -7.02
N SER A 326 16.07 8.02 -6.13
CA SER A 326 15.97 8.55 -4.76
C SER A 326 17.27 8.54 -3.95
N ILE A 327 18.13 7.56 -4.19
CA ILE A 327 19.34 7.42 -3.39
C ILE A 327 20.40 8.49 -3.68
N PHE A 328 20.28 9.15 -4.83
CA PHE A 328 21.32 10.06 -5.29
C PHE A 328 20.68 11.19 -6.09
N ASP A 329 20.15 12.19 -5.39
CA ASP A 329 19.19 13.11 -5.97
C ASP A 329 19.48 14.61 -5.79
N GLY A 330 19.15 15.38 -6.81
CA GLY A 330 19.19 16.83 -6.72
C GLY A 330 20.54 17.37 -6.29
N SER A 331 20.55 18.26 -5.31
CA SER A 331 21.76 18.93 -4.88
C SER A 331 22.81 17.95 -4.34
N ASP A 332 22.37 16.80 -3.87
CA ASP A 332 23.31 15.80 -3.35
C ASP A 332 24.27 15.31 -4.43
N ARG A 333 23.80 15.33 -5.68
CA ARG A 333 24.64 14.96 -6.82
C ARG A 333 25.85 15.90 -6.98
N ILE A 334 25.70 17.13 -6.51
CA ILE A 334 26.75 18.16 -6.67
C ILE A 334 27.91 17.96 -5.71
N GLN A 335 27.62 17.50 -4.50
CA GLN A 335 28.67 17.41 -3.46
C GLN A 335 29.90 16.59 -3.92
N PRO A 336 29.72 15.37 -4.44
CA PRO A 336 28.56 14.47 -4.48
C PRO A 336 28.46 13.66 -3.20
N GLN A 337 27.25 13.22 -2.86
CA GLN A 337 27.02 12.44 -1.66
C GLN A 337 25.69 11.71 -1.81
N TRP A 338 25.54 10.59 -1.13
CA TRP A 338 24.27 9.87 -1.17
C TRP A 338 23.18 10.72 -0.52
N SER A 339 21.97 10.63 -1.07
CA SER A 339 20.80 11.23 -0.44
C SER A 339 20.30 10.29 0.67
N LEU A 340 20.40 8.99 0.42
CA LEU A 340 19.90 7.98 1.36
C LEU A 340 20.98 6.96 1.68
N PRO A 341 21.92 7.32 2.56
CA PRO A 341 23.05 6.45 2.90
C PRO A 341 22.63 5.08 3.45
N THR A 342 21.58 5.05 4.27
CA THR A 342 21.16 3.78 4.88
C THR A 342 20.57 2.84 3.85
N VAL A 343 19.89 3.40 2.84
CA VAL A 343 19.33 2.59 1.77
C VAL A 343 20.48 1.99 0.96
N VAL A 344 21.44 2.82 0.61
CA VAL A 344 22.62 2.40 -0.15
C VAL A 344 23.42 1.36 0.63
N GLU A 345 23.58 1.58 1.94
CA GLU A 345 24.32 0.65 2.77
C GLU A 345 23.61 -0.70 2.79
N ALA A 346 22.28 -0.67 2.80
CA ALA A 346 21.49 -1.89 2.77
C ALA A 346 21.66 -2.62 1.43
N MET A 347 21.78 -1.85 0.36
CA MET A 347 21.99 -2.39 -0.97
C MET A 347 23.38 -3.02 -1.11
N GLN A 348 24.37 -2.33 -0.58
CA GLN A 348 25.74 -2.80 -0.66
C GLN A 348 25.90 -4.09 0.15
N GLU A 349 25.35 -4.10 1.36
CA GLU A 349 25.44 -5.30 2.20
C GLU A 349 24.72 -6.49 1.54
N ALA A 350 23.56 -6.22 0.96
CA ALA A 350 22.81 -7.28 0.27
C ALA A 350 23.56 -7.84 -0.93
N TYR A 351 24.24 -6.96 -1.66
CA TYR A 351 24.93 -7.42 -2.87
C TYR A 351 26.24 -8.16 -2.55
N ASN A 352 26.94 -7.73 -1.52
CA ASN A 352 28.26 -8.26 -1.21
C ASN A 352 28.23 -9.33 -0.12
N THR B 7 -38.56 10.09 18.21
CA THR B 7 -38.33 10.91 19.39
C THR B 7 -37.30 10.26 20.30
N TYR B 8 -36.54 11.09 21.02
CA TYR B 8 -35.46 10.62 21.87
C TYR B 8 -35.95 10.32 23.29
N MET B 9 -35.59 9.15 23.82
CA MET B 9 -35.85 8.86 25.23
C MET B 9 -34.62 8.29 25.91
N GLU B 10 -34.05 9.09 26.81
CA GLU B 10 -32.85 8.77 27.57
C GLU B 10 -32.85 7.35 28.15
N GLU B 11 -31.75 6.62 27.93
CA GLU B 11 -31.62 5.26 28.41
C GLU B 11 -30.30 5.10 29.14
N SER B 12 -30.30 4.40 30.26
CA SER B 12 -29.09 4.17 31.02
C SER B 12 -28.15 3.24 30.27
N ALA B 13 -26.85 3.35 30.55
CA ALA B 13 -25.84 2.51 29.93
C ALA B 13 -26.08 1.03 30.23
N GLN B 14 -26.56 0.74 31.44
CA GLN B 14 -26.79 -0.64 31.84
C GLN B 14 -27.99 -1.19 31.08
N SER B 15 -28.97 -0.34 30.85
CA SER B 15 -30.16 -0.74 30.11
C SER B 15 -29.81 -1.03 28.64
N ALA B 16 -29.02 -0.14 28.05
CA ALA B 16 -28.59 -0.28 26.66
C ALA B 16 -27.84 -1.59 26.45
N VAL B 17 -26.86 -1.86 27.31
CA VAL B 17 -26.06 -3.08 27.19
C VAL B 17 -26.92 -4.33 27.34
N ASP B 18 -27.86 -4.29 28.27
CA ASP B 18 -28.77 -5.42 28.46
C ASP B 18 -29.64 -5.64 27.23
N ASN B 19 -29.93 -4.57 26.50
CA ASN B 19 -30.76 -4.66 25.31
C ASN B 19 -30.00 -4.92 24.01
N PHE B 20 -28.67 -4.79 24.06
CA PHE B 20 -27.82 -5.07 22.89
C PHE B 20 -28.06 -6.47 22.34
N GLY B 21 -28.28 -7.43 23.23
CA GLY B 21 -28.43 -8.82 22.84
C GLY B 21 -27.19 -9.32 22.10
N LEU B 22 -27.42 -9.99 20.98
CA LEU B 22 -26.33 -10.43 20.12
C LEU B 22 -25.90 -9.31 19.20
N GLY B 23 -24.60 -9.03 19.17
CA GLY B 23 -24.07 -7.95 18.36
C GLY B 23 -23.17 -8.45 17.25
N PHE B 24 -22.99 -7.62 16.22
CA PHE B 24 -22.15 -7.96 15.08
C PHE B 24 -21.33 -6.75 14.62
N ASN B 25 -20.07 -6.98 14.27
CA ASN B 25 -19.22 -5.95 13.67
C ASN B 25 -19.29 -5.94 12.16
N LEU B 26 -19.71 -4.81 11.58
CA LEU B 26 -19.65 -4.59 10.14
C LEU B 26 -18.21 -4.23 9.75
N GLY B 27 -17.30 -5.20 9.90
CA GLY B 27 -15.89 -4.95 9.76
C GLY B 27 -15.33 -4.94 8.34
N ASN B 28 -14.11 -4.42 8.20
CA ASN B 28 -13.46 -4.24 6.90
C ASN B 28 -14.36 -3.53 5.90
N THR B 29 -15.20 -2.62 6.40
CA THR B 29 -16.14 -1.92 5.53
C THR B 29 -15.82 -0.41 5.58
N LEU B 30 -16.48 0.35 6.44
CA LEU B 30 -16.14 1.77 6.54
C LEU B 30 -14.78 1.99 7.23
N ASP B 31 -14.24 0.95 7.84
CA ASP B 31 -12.93 1.01 8.47
C ASP B 31 -11.82 0.70 7.47
N ALA B 32 -12.19 0.23 6.29
CA ALA B 32 -11.22 -0.08 5.25
C ALA B 32 -10.47 1.19 4.85
N ASN B 33 -9.18 1.04 4.55
CA ASN B 33 -8.36 2.19 4.23
C ASN B 33 -7.09 1.80 3.48
N GLY B 34 -6.44 2.77 2.86
CA GLY B 34 -5.21 2.52 2.15
C GLY B 34 -5.27 2.80 0.65
N CYS B 35 -6.41 3.27 0.17
CA CYS B 35 -6.54 3.57 -1.26
C CYS B 35 -6.20 5.03 -1.56
N GLY B 36 -5.92 5.79 -0.50
CA GLY B 36 -5.54 7.19 -0.64
C GLY B 36 -6.69 8.16 -0.48
N THR B 37 -6.38 9.45 -0.51
CA THR B 37 -7.38 10.50 -0.37
C THR B 37 -8.05 10.84 -1.70
N GLY B 38 -9.21 11.49 -1.63
CA GLY B 38 -9.90 11.98 -2.81
C GLY B 38 -10.57 10.94 -3.69
N LYS B 39 -10.75 9.73 -3.17
CA LYS B 39 -11.41 8.67 -3.93
C LYS B 39 -12.92 8.71 -3.70
N PRO B 40 -13.70 8.08 -4.60
CA PRO B 40 -15.14 7.98 -4.36
C PRO B 40 -15.46 7.18 -3.10
N VAL B 41 -16.58 7.49 -2.45
CA VAL B 41 -16.97 6.79 -1.22
C VAL B 41 -16.94 5.26 -1.39
N ALA B 42 -17.55 4.77 -2.46
CA ALA B 42 -17.69 3.34 -2.69
C ALA B 42 -16.34 2.64 -2.82
N THR B 43 -15.35 3.36 -3.33
CA THR B 43 -14.00 2.81 -3.46
C THR B 43 -13.43 2.46 -2.08
N TYR B 44 -13.70 3.29 -1.08
CA TYR B 44 -13.26 3.00 0.28
C TYR B 44 -14.01 1.81 0.86
N GLU B 45 -15.34 1.86 0.74
CA GLU B 45 -16.21 0.90 1.41
C GLU B 45 -15.99 -0.52 0.89
N THR B 46 -15.59 -0.62 -0.37
CA THR B 46 -15.35 -1.91 -1.01
C THR B 46 -13.87 -2.28 -1.11
N PHE B 47 -13.00 -1.44 -0.56
CA PHE B 47 -11.56 -1.59 -0.76
C PHE B 47 -11.01 -2.89 -0.15
N TRP B 48 -11.66 -3.39 0.91
CA TRP B 48 -11.19 -4.60 1.58
C TRP B 48 -12.13 -5.79 1.33
N GLY B 49 -12.85 -5.75 0.21
CA GLY B 49 -13.57 -6.93 -0.26
C GLY B 49 -14.98 -7.11 0.26
N GLN B 50 -15.52 -6.11 0.94
CA GLN B 50 -16.91 -6.17 1.37
C GLN B 50 -17.78 -5.45 0.35
N PRO B 51 -19.03 -5.88 0.20
CA PRO B 51 -19.96 -5.17 -0.67
C PRO B 51 -20.44 -3.89 -0.01
N GLU B 52 -20.98 -2.96 -0.81
CA GLU B 52 -21.60 -1.78 -0.24
C GLU B 52 -22.76 -2.17 0.66
N THR B 53 -22.80 -1.54 1.83
CA THR B 53 -23.81 -1.84 2.84
C THR B 53 -25.19 -1.40 2.37
N THR B 54 -26.20 -2.20 2.71
CA THR B 54 -27.59 -1.94 2.33
C THR B 54 -28.51 -2.00 3.54
N GLN B 55 -29.69 -1.38 3.40
CA GLN B 55 -30.74 -1.50 4.41
C GLN B 55 -31.05 -2.97 4.72
N ASP B 56 -31.14 -3.79 3.67
CA ASP B 56 -31.46 -5.22 3.82
C ASP B 56 -30.53 -5.96 4.79
N MET B 57 -29.25 -5.58 4.82
CA MET B 57 -28.29 -6.21 5.73
C MET B 57 -28.63 -5.96 7.20
N MET B 58 -29.00 -4.72 7.52
CA MET B 58 -29.38 -4.37 8.88
C MET B 58 -30.71 -5.02 9.28
N THR B 59 -31.65 -5.01 8.35
CA THR B 59 -32.94 -5.65 8.56
C THR B 59 -32.78 -7.15 8.80
N PHE B 60 -31.89 -7.78 8.01
CA PHE B 60 -31.56 -9.19 8.19
C PHE B 60 -31.08 -9.47 9.61
N LEU B 61 -30.17 -8.65 10.10
CA LEU B 61 -29.64 -8.81 11.46
C LEU B 61 -30.77 -8.82 12.48
N MET B 62 -31.66 -7.85 12.39
CA MET B 62 -32.78 -7.75 13.33
C MET B 62 -33.71 -8.95 13.21
N GLN B 63 -33.96 -9.36 11.97
CA GLN B 63 -34.88 -10.47 11.68
C GLN B 63 -34.29 -11.82 12.12
N ASN B 64 -33.00 -11.84 12.41
CA ASN B 64 -32.35 -13.10 12.72
C ASN B 64 -31.62 -13.08 14.07
N GLY B 65 -32.23 -12.42 15.04
CA GLY B 65 -31.84 -12.57 16.43
C GLY B 65 -30.71 -11.70 16.93
N PHE B 66 -30.35 -10.69 16.16
CA PHE B 66 -29.33 -9.74 16.61
C PHE B 66 -29.97 -8.39 16.89
N ASN B 67 -29.47 -7.71 17.91
CA ASN B 67 -30.09 -6.43 18.29
C ASN B 67 -29.12 -5.26 18.31
N ALA B 68 -27.87 -5.50 17.94
CA ALA B 68 -26.88 -4.42 17.92
C ALA B 68 -25.82 -4.62 16.82
N VAL B 69 -25.41 -3.52 16.20
CA VAL B 69 -24.35 -3.57 15.21
C VAL B 69 -23.27 -2.54 15.53
N ARG B 70 -22.02 -2.94 15.45
CA ARG B 70 -20.92 -2.00 15.58
C ARG B 70 -20.45 -1.62 14.19
N ILE B 71 -20.32 -0.33 13.94
CA ILE B 71 -19.94 0.19 12.63
C ILE B 71 -18.57 0.86 12.74
N PRO B 72 -17.51 0.07 12.54
CA PRO B 72 -16.15 0.63 12.55
C PRO B 72 -15.98 1.65 11.43
N VAL B 73 -15.46 2.82 11.75
CA VAL B 73 -15.16 3.80 10.71
C VAL B 73 -13.72 4.30 10.87
N THR B 74 -12.96 4.26 9.79
CA THR B 74 -11.63 4.86 9.79
C THR B 74 -11.73 6.20 9.07
N TRP B 75 -11.16 7.24 9.69
CA TRP B 75 -11.43 8.61 9.25
C TRP B 75 -10.26 9.34 8.57
N TYR B 76 -9.02 8.93 8.83
CA TYR B 76 -7.88 9.77 8.42
C TYR B 76 -7.82 10.07 6.91
N GLU B 77 -8.22 9.12 6.05
CA GLU B 77 -8.16 9.37 4.60
C GLU B 77 -9.28 10.29 4.12
N HIS B 78 -10.21 10.62 5.01
CA HIS B 78 -11.35 11.48 4.67
C HIS B 78 -11.26 12.83 5.38
N MET B 79 -10.10 13.11 5.97
CA MET B 79 -9.88 14.38 6.65
C MET B 79 -8.85 15.21 5.89
N ASP B 80 -9.15 16.50 5.70
CA ASP B 80 -8.20 17.39 5.04
C ASP B 80 -7.10 17.80 6.01
N ALA B 81 -6.26 18.74 5.59
CA ALA B 81 -5.13 19.19 6.40
C ALA B 81 -5.57 19.80 7.73
N GLU B 82 -6.79 20.33 7.76
CA GLU B 82 -7.33 20.99 8.95
C GLU B 82 -8.23 20.08 9.78
N GLY B 83 -8.36 18.83 9.36
CA GLY B 83 -9.12 17.85 10.10
C GLY B 83 -10.61 17.87 9.81
N ASN B 84 -10.99 18.55 8.72
CA ASN B 84 -12.38 18.54 8.28
C ASN B 84 -12.70 17.26 7.54
N VAL B 85 -13.78 16.60 7.96
CA VAL B 85 -14.19 15.35 7.34
C VAL B 85 -14.92 15.62 6.03
N ASP B 86 -14.51 14.91 4.97
CA ASP B 86 -15.20 14.95 3.69
C ASP B 86 -16.70 14.76 3.90
N GLU B 87 -17.50 15.61 3.27
CA GLU B 87 -18.94 15.61 3.52
CA GLU B 87 -18.93 15.61 3.56
C GLU B 87 -19.66 14.41 2.95
N ALA B 88 -19.20 13.93 1.79
CA ALA B 88 -19.80 12.76 1.18
C ALA B 88 -19.55 11.54 2.07
N TRP B 89 -18.35 11.49 2.65
CA TRP B 89 -17.99 10.40 3.54
C TRP B 89 -18.89 10.41 4.78
N MET B 90 -19.02 11.57 5.41
CA MET B 90 -19.85 11.69 6.60
C MET B 90 -21.29 11.31 6.30
N MET B 91 -21.76 11.67 5.10
CA MET B 91 -23.15 11.37 4.72
C MET B 91 -23.38 9.87 4.60
N ARG B 92 -22.37 9.14 4.14
CA ARG B 92 -22.45 7.70 4.00
C ARG B 92 -22.47 7.02 5.36
N VAL B 93 -21.69 7.54 6.31
CA VAL B 93 -21.74 7.04 7.69
C VAL B 93 -23.17 7.21 8.22
N LYS B 94 -23.73 8.38 7.98
CA LYS B 94 -25.11 8.67 8.36
C LYS B 94 -26.10 7.70 7.72
N ALA B 95 -25.93 7.46 6.43
CA ALA B 95 -26.82 6.55 5.69
C ALA B 95 -26.86 5.16 6.32
N ILE B 96 -25.69 4.65 6.69
CA ILE B 96 -25.59 3.30 7.24
C ILE B 96 -26.11 3.27 8.68
N VAL B 97 -25.83 4.31 9.46
CA VAL B 97 -26.45 4.47 10.77
C VAL B 97 -27.98 4.43 10.63
N GLU B 98 -28.51 5.14 9.65
CA GLU B 98 -29.96 5.18 9.49
C GLU B 98 -30.54 3.82 9.10
N TYR B 99 -29.82 3.05 8.29
CA TYR B 99 -30.23 1.67 8.01
C TYR B 99 -30.46 0.92 9.32
N ALA B 100 -29.48 1.02 10.22
CA ALA B 100 -29.53 0.33 11.49
C ALA B 100 -30.66 0.87 12.37
N MET B 101 -30.86 2.19 12.38
CA MET B 101 -31.91 2.78 13.18
C MET B 101 -33.27 2.27 12.71
N ASN B 102 -33.47 2.24 11.40
CA ASN B 102 -34.74 1.81 10.81
C ASN B 102 -35.03 0.35 11.17
N ALA B 103 -33.97 -0.44 11.23
CA ALA B 103 -34.10 -1.88 11.48
C ALA B 103 -34.37 -2.20 12.94
N GLY B 104 -34.28 -1.19 13.80
CA GLY B 104 -34.54 -1.38 15.22
C GLY B 104 -33.30 -1.74 16.02
N LEU B 105 -32.13 -1.67 15.37
CA LEU B 105 -30.88 -2.05 16.01
C LEU B 105 -30.29 -0.93 16.86
N TYR B 106 -29.51 -1.32 17.86
CA TYR B 106 -28.52 -0.40 18.42
C TYR B 106 -27.38 -0.31 17.43
N ALA B 107 -26.72 0.84 17.37
CA ALA B 107 -25.55 0.99 16.50
C ALA B 107 -24.44 1.73 17.22
N ILE B 108 -23.20 1.31 16.96
CA ILE B 108 -22.02 1.98 17.50
C ILE B 108 -21.16 2.53 16.36
N VAL B 109 -20.86 3.82 16.41
CA VAL B 109 -19.92 4.41 15.46
C VAL B 109 -18.64 4.81 16.19
N ASN B 110 -17.50 4.39 15.66
CA ASN B 110 -16.25 4.66 16.35
C ASN B 110 -15.20 5.39 15.49
N VAL B 111 -14.01 5.51 16.06
CA VAL B 111 -12.82 5.95 15.34
C VAL B 111 -11.87 4.75 15.35
N HIS B 112 -11.68 4.12 14.20
CA HIS B 112 -11.11 2.77 14.17
C HIS B 112 -9.61 2.74 13.84
N HIS B 113 -9.26 2.58 12.57
CA HIS B 113 -7.83 2.40 12.22
C HIS B 113 -7.04 3.71 12.25
N ASP B 114 -7.65 4.75 12.81
CA ASP B 114 -6.91 5.93 13.21
C ASP B 114 -6.09 5.61 14.45
N THR B 115 -6.35 4.45 15.04
CA THR B 115 -5.56 3.90 16.14
C THR B 115 -4.83 2.64 15.67
N ALA B 116 -3.89 2.19 16.49
CA ALA B 116 -3.20 0.89 16.37
C ALA B 116 -1.99 0.92 15.42
N ALA B 117 -1.69 -0.23 14.83
CA ALA B 117 -0.36 -0.45 14.23
C ALA B 117 -0.28 -0.21 12.73
N GLY B 118 -1.39 0.17 12.10
CA GLY B 118 -1.38 0.40 10.67
C GLY B 118 -0.87 1.78 10.30
N SER B 119 -0.50 1.97 9.04
CA SER B 119 -0.10 3.29 8.58
C SER B 119 -1.33 4.17 8.57
N GLY B 120 -1.16 5.44 8.89
CA GLY B 120 -2.30 6.34 8.98
C GLY B 120 -2.75 6.55 10.40
N ALA B 121 -2.47 5.59 11.28
CA ALA B 121 -2.85 5.71 12.69
C ALA B 121 -2.18 6.94 13.31
N TRP B 122 -2.97 7.78 13.99
CA TRP B 122 -2.43 9.03 14.52
C TRP B 122 -2.84 9.25 15.96
N ILE B 123 -3.77 8.43 16.45
CA ILE B 123 -4.17 8.48 17.85
C ILE B 123 -3.38 7.44 18.64
N LYS B 124 -2.55 7.90 19.57
CA LYS B 124 -1.62 6.99 20.25
C LYS B 124 -1.49 7.25 21.75
N ALA B 125 -1.35 6.17 22.51
CA ALA B 125 -1.23 6.28 23.96
C ALA B 125 0.17 6.79 24.32
N ASP B 126 0.35 8.08 24.14
CA ASP B 126 1.64 8.73 24.35
C ASP B 126 1.37 10.16 24.78
N THR B 127 2.09 10.62 25.80
CA THR B 127 1.93 11.98 26.30
C THR B 127 2.22 13.02 25.22
N ASP B 128 3.23 12.72 24.39
CA ASP B 128 3.60 13.60 23.29
C ASP B 128 2.54 13.66 22.21
N VAL B 129 2.22 12.49 21.65
CA VAL B 129 1.25 12.38 20.58
C VAL B 129 -0.07 13.01 20.98
N TYR B 130 -0.49 12.77 22.23
CA TYR B 130 -1.72 13.34 22.74
C TYR B 130 -1.68 14.87 22.70
N ALA B 131 -0.56 15.43 23.14
CA ALA B 131 -0.36 16.87 23.12
C ALA B 131 -0.53 17.43 21.70
N ALA B 132 0.05 16.74 20.73
CA ALA B 132 0.07 17.21 19.36
C ALA B 132 -1.19 16.89 18.55
N THR B 133 -2.08 16.06 19.09
CA THR B 133 -3.25 15.62 18.31
C THR B 133 -4.59 15.84 19.01
N LYS B 134 -4.56 16.34 20.24
CA LYS B 134 -5.76 16.40 21.06
C LYS B 134 -6.85 17.29 20.46
N GLU B 135 -6.45 18.40 19.85
CA GLU B 135 -7.43 19.32 19.29
C GLU B 135 -7.99 18.77 17.99
N LYS B 136 -7.14 18.10 17.22
CA LYS B 136 -7.58 17.41 16.02
C LYS B 136 -8.60 16.31 16.36
N PHE B 137 -8.34 15.61 17.46
CA PHE B 137 -9.23 14.55 17.95
C PHE B 137 -10.56 15.11 18.44
N LYS B 138 -10.52 16.21 19.17
CA LYS B 138 -11.74 16.83 19.69
C LYS B 138 -12.60 17.38 18.56
N LYS B 139 -11.93 17.91 17.53
CA LYS B 139 -12.62 18.47 16.38
C LYS B 139 -13.29 17.40 15.53
N LEU B 140 -12.58 16.28 15.34
CA LEU B 140 -13.17 15.14 14.66
C LEU B 140 -14.47 14.73 15.34
N TRP B 141 -14.43 14.57 16.67
CA TRP B 141 -15.62 14.15 17.39
C TRP B 141 -16.69 15.22 17.45
N THR B 142 -16.27 16.48 17.38
CA THR B 142 -17.23 17.58 17.24
C THR B 142 -18.04 17.40 15.96
N GLN B 143 -17.33 17.17 14.86
CA GLN B 143 -17.98 16.96 13.55
C GLN B 143 -18.89 15.73 13.54
N ILE B 144 -18.40 14.61 14.09
CA ILE B 144 -19.19 13.38 14.09
C ILE B 144 -20.44 13.54 14.94
N ALA B 145 -20.29 14.10 16.13
CA ALA B 145 -21.41 14.25 17.05
C ALA B 145 -22.46 15.17 16.46
N ASN B 146 -22.02 16.25 15.81
CA ASN B 146 -22.93 17.18 15.14
C ASN B 146 -23.66 16.57 13.96
N ALA B 147 -22.93 15.79 13.16
CA ALA B 147 -23.50 15.16 11.98
C ALA B 147 -24.51 14.07 12.31
N LEU B 148 -24.33 13.41 13.46
CA LEU B 148 -25.20 12.31 13.87
C LEU B 148 -26.10 12.69 15.05
N ALA B 149 -26.24 13.98 15.32
CA ALA B 149 -26.93 14.46 16.52
C ALA B 149 -28.41 14.08 16.57
N ASP B 150 -29.05 13.98 15.40
CA ASP B 150 -30.49 13.78 15.35
C ASP B 150 -30.94 12.35 15.67
N TYR B 151 -30.00 11.41 15.66
CA TYR B 151 -30.37 10.01 15.91
C TYR B 151 -30.60 9.76 17.39
N ASP B 152 -31.53 8.87 17.71
CA ASP B 152 -31.95 8.69 19.10
C ASP B 152 -30.97 7.85 19.91
N GLN B 153 -31.41 7.37 21.07
CA GLN B 153 -30.54 6.71 22.04
C GLN B 153 -30.02 5.34 21.56
N HIS B 154 -30.56 4.84 20.47
CA HIS B 154 -30.09 3.56 19.94
C HIS B 154 -28.72 3.71 19.29
N LEU B 155 -28.32 4.94 19.02
CA LEU B 155 -26.99 5.22 18.48
C LEU B 155 -26.01 5.62 19.57
N LEU B 156 -24.89 4.90 19.64
CA LEU B 156 -23.83 5.21 20.62
C LEU B 156 -22.57 5.62 19.89
N PHE B 157 -21.74 6.43 20.55
CA PHE B 157 -20.43 6.79 20.00
C PHE B 157 -19.33 6.06 20.77
N GLU B 158 -18.30 5.63 20.05
CA GLU B 158 -17.13 4.99 20.65
C GLU B 158 -15.88 5.80 20.32
N GLY B 159 -15.22 6.33 21.34
CA GLY B 159 -14.12 7.28 21.14
C GLY B 159 -12.95 6.85 20.27
N TYR B 160 -12.50 5.61 20.44
CA TYR B 160 -11.31 5.11 19.75
C TYR B 160 -11.26 3.58 19.87
N ASN B 161 -10.70 2.94 18.85
CA ASN B 161 -10.69 1.48 18.77
C ASN B 161 -9.61 0.80 19.62
N GLU B 162 -8.42 0.69 19.07
CA GLU B 162 -7.33 -0.01 19.74
C GLU B 162 -6.14 0.92 19.83
N MET B 163 -6.13 1.78 20.85
CA MET B 163 -5.06 2.74 21.00
C MET B 163 -3.79 2.06 21.55
N LEU B 164 -2.70 2.18 20.81
CA LEU B 164 -1.42 1.63 21.24
C LEU B 164 -0.41 2.75 21.49
N ASP B 165 0.71 2.43 22.13
CA ASP B 165 1.75 3.43 22.32
C ASP B 165 2.53 3.66 21.03
N GLY B 166 3.63 4.41 21.13
CA GLY B 166 4.49 4.68 19.99
C GLY B 166 5.12 3.44 19.37
N ASN B 167 5.36 2.40 20.17
CA ASN B 167 5.92 1.16 19.62
C ASN B 167 4.87 0.07 19.38
N ASN B 168 3.59 0.46 19.37
CA ASN B 168 2.52 -0.48 19.05
C ASN B 168 2.55 -1.67 20.00
N SER B 169 2.81 -1.40 21.27
CA SER B 169 2.86 -2.46 22.28
C SER B 169 1.46 -3.02 22.51
N TRP B 170 1.25 -4.28 22.13
CA TRP B 170 -0.10 -4.81 22.00
C TRP B 170 -0.80 -5.23 23.29
N ASP B 171 -0.05 -5.44 24.36
CA ASP B 171 -0.70 -5.89 25.59
C ASP B 171 -0.67 -4.82 26.69
N GLU B 172 0.42 -4.07 26.76
CA GLU B 172 0.54 -2.97 27.71
C GLU B 172 1.60 -1.98 27.24
N PRO B 173 1.45 -0.70 27.61
CA PRO B 173 2.41 0.31 27.17
C PRO B 173 3.78 0.18 27.86
N GLN B 174 4.83 0.52 27.14
CA GLN B 174 6.18 0.44 27.69
C GLN B 174 6.31 1.37 28.91
N LYS B 175 5.63 2.51 28.85
CA LYS B 175 5.73 3.55 29.86
C LYS B 175 4.36 3.82 30.43
N ALA B 176 4.30 3.96 31.75
CA ALA B 176 3.04 4.18 32.47
C ALA B 176 2.36 5.48 32.05
N SER B 177 3.13 6.42 31.52
CA SER B 177 2.59 7.70 31.09
C SER B 177 1.61 7.52 29.94
N GLY B 178 1.75 6.41 29.21
CA GLY B 178 0.83 6.06 28.14
C GLY B 178 -0.61 5.99 28.63
N TYR B 179 -0.80 5.43 29.83
CA TYR B 179 -2.11 5.37 30.44
C TYR B 179 -2.71 6.76 30.63
N GLU B 180 -1.84 7.72 30.94
CA GLU B 180 -2.24 9.10 31.15
C GLU B 180 -2.85 9.69 29.87
N ALA B 181 -2.14 9.51 28.76
CA ALA B 181 -2.58 10.01 27.47
C ALA B 181 -3.91 9.39 27.05
N LEU B 182 -4.01 8.07 27.16
CA LEU B 182 -5.24 7.38 26.81
C LEU B 182 -6.41 7.88 27.64
N ASN B 183 -6.19 8.02 28.95
CA ASN B 183 -7.21 8.54 29.84
C ASN B 183 -7.61 9.96 29.47
N ASN B 184 -6.65 10.72 28.96
CA ASN B 184 -6.90 12.10 28.55
C ASN B 184 -7.74 12.16 27.28
N TYR B 185 -7.39 11.31 26.32
CA TYR B 185 -8.19 11.14 25.10
C TYR B 185 -9.64 10.83 25.44
N ALA B 186 -9.83 9.89 26.36
CA ALA B 186 -11.15 9.43 26.75
C ALA B 186 -11.99 10.55 27.36
N GLN B 187 -11.35 11.41 28.14
CA GLN B 187 -12.05 12.55 28.72
C GLN B 187 -12.39 13.57 27.65
N ASP B 188 -11.45 13.83 26.75
CA ASP B 188 -11.66 14.79 25.68
C ASP B 188 -12.79 14.33 24.75
N PHE B 189 -12.82 13.04 24.48
CA PHE B 189 -13.88 12.45 23.68
C PHE B 189 -15.24 12.73 24.29
N VAL B 190 -15.40 12.44 25.58
CA VAL B 190 -16.66 12.69 26.27
C VAL B 190 -16.98 14.19 26.24
N ASP B 191 -15.99 15.01 26.57
CA ASP B 191 -16.18 16.46 26.60
C ASP B 191 -16.69 17.02 25.28
N ALA B 192 -16.03 16.66 24.19
CA ALA B 192 -16.38 17.17 22.87
C ALA B 192 -17.79 16.76 22.44
N VAL B 193 -18.15 15.50 22.69
CA VAL B 193 -19.49 15.02 22.34
C VAL B 193 -20.55 15.73 23.17
N ARG B 194 -20.38 15.74 24.48
CA ARG B 194 -21.36 16.32 25.38
C ARG B 194 -21.59 17.80 25.10
N ALA B 195 -20.53 18.49 24.69
CA ALA B 195 -20.59 19.93 24.44
C ALA B 195 -21.54 20.30 23.30
N THR B 196 -21.77 19.37 22.38
CA THR B 196 -22.62 19.65 21.22
C THR B 196 -24.10 19.69 21.58
N GLY B 197 -24.43 19.26 22.80
CA GLY B 197 -25.80 19.33 23.29
C GLY B 197 -26.79 18.48 22.53
N GLY B 198 -28.06 18.84 22.63
CA GLY B 198 -29.13 18.05 22.04
C GLY B 198 -29.17 16.64 22.60
N ASN B 199 -29.33 15.66 21.72
CA ASN B 199 -29.34 14.27 22.14
C ASN B 199 -27.98 13.82 22.67
N ASN B 200 -26.93 14.49 22.20
CA ASN B 200 -25.57 14.14 22.59
C ASN B 200 -25.27 14.47 24.04
N ALA B 201 -26.22 15.10 24.72
CA ALA B 201 -26.04 15.48 26.11
C ALA B 201 -26.15 14.27 27.03
N THR B 202 -26.99 13.31 26.66
CA THR B 202 -27.20 12.12 27.46
C THR B 202 -26.95 10.83 26.68
N ARG B 203 -26.41 10.97 25.47
CA ARG B 203 -26.12 9.80 24.63
C ARG B 203 -25.12 8.89 25.33
N ASN B 204 -25.38 7.58 25.29
CA ASN B 204 -24.45 6.62 25.85
C ASN B 204 -23.17 6.57 25.03
N LEU B 205 -22.03 6.76 25.70
CA LEU B 205 -20.74 6.78 25.04
C LEU B 205 -19.84 5.66 25.53
N ILE B 206 -18.92 5.24 24.67
CA ILE B 206 -18.08 4.06 24.94
C ILE B 206 -16.60 4.40 24.92
N VAL B 207 -15.91 4.10 26.02
CA VAL B 207 -14.47 4.33 26.09
C VAL B 207 -13.75 2.99 26.21
N ASN B 208 -12.65 2.84 25.47
CA ASN B 208 -11.92 1.58 25.43
C ASN B 208 -10.64 1.61 26.26
N THR B 209 -10.26 0.46 26.79
CA THR B 209 -8.99 0.32 27.51
C THR B 209 -7.80 0.39 26.56
N TYR B 210 -6.60 0.47 27.10
CA TYR B 210 -5.39 0.40 26.28
C TYR B 210 -5.39 -0.90 25.47
N ALA B 211 -5.19 -0.77 24.16
CA ALA B 211 -5.16 -1.89 23.23
C ALA B 211 -6.45 -2.71 23.24
N ALA B 212 -7.49 -2.15 23.84
CA ALA B 212 -8.72 -2.89 24.13
C ALA B 212 -8.38 -4.17 24.90
N ALA B 213 -7.35 -4.06 25.74
CA ALA B 213 -6.84 -5.22 26.48
C ALA B 213 -7.47 -5.32 27.86
N LYS B 214 -7.21 -6.44 28.52
CA LYS B 214 -7.93 -6.83 29.73
C LYS B 214 -6.97 -7.23 30.86
N GLY B 215 -5.68 -7.02 30.65
CA GLY B 215 -4.67 -7.39 31.63
C GLY B 215 -4.77 -6.61 32.93
N GLU B 216 -4.08 -7.09 33.95
CA GLU B 216 -4.17 -6.49 35.29
C GLU B 216 -3.75 -5.02 35.33
N ASN B 217 -2.59 -4.72 34.75
CA ASN B 217 -2.09 -3.35 34.75
C ASN B 217 -2.98 -2.41 33.93
N VAL B 218 -3.41 -2.87 32.76
CA VAL B 218 -4.29 -2.09 31.90
C VAL B 218 -5.60 -1.71 32.60
N LEU B 219 -6.18 -2.64 33.34
CA LEU B 219 -7.41 -2.37 34.07
C LEU B 219 -7.18 -1.45 35.27
N ASN B 220 -6.04 -1.64 35.94
CA ASN B 220 -5.71 -0.84 37.10
C ASN B 220 -5.45 0.62 36.73
N ASN B 221 -4.78 0.82 35.60
CA ASN B 221 -4.42 2.16 35.15
C ASN B 221 -5.44 2.79 34.20
N PHE B 222 -6.59 2.13 34.03
CA PHE B 222 -7.69 2.72 33.28
C PHE B 222 -8.50 3.65 34.17
N MET B 223 -8.74 4.87 33.70
CA MET B 223 -9.53 5.82 34.47
C MET B 223 -10.75 6.26 33.67
N LEU B 224 -11.94 5.90 34.16
CA LEU B 224 -13.19 6.29 33.53
C LEU B 224 -13.30 7.81 33.53
N PRO B 225 -13.58 8.40 32.35
CA PRO B 225 -13.69 9.85 32.19
C PRO B 225 -14.76 10.47 33.09
N THR B 226 -14.57 11.73 33.46
CA THR B 226 -15.58 12.46 34.21
C THR B 226 -16.73 12.89 33.31
N ASP B 227 -17.96 12.58 33.73
CA ASP B 227 -19.14 12.86 32.93
C ASP B 227 -20.17 13.63 33.77
N ALA B 228 -20.76 14.68 33.20
CA ALA B 228 -21.67 15.54 33.94
C ALA B 228 -23.06 14.92 34.18
N VAL B 229 -23.39 13.88 33.42
CA VAL B 229 -24.65 13.18 33.56
C VAL B 229 -24.32 11.82 34.18
N ASN B 230 -25.26 11.15 34.87
CA ASN B 230 -24.99 9.78 35.35
C ASN B 230 -25.41 8.61 34.47
N ASN B 231 -24.66 7.53 34.60
CA ASN B 231 -24.94 6.24 33.98
C ASN B 231 -25.08 6.30 32.46
N HIS B 232 -24.16 7.00 31.81
CA HIS B 232 -24.14 7.06 30.37
C HIS B 232 -22.75 6.75 29.81
N LEU B 233 -22.00 5.92 30.52
CA LEU B 233 -20.68 5.49 30.05
C LEU B 233 -20.57 3.97 30.05
N ILE B 234 -19.94 3.46 29.00
CA ILE B 234 -19.69 2.04 28.83
C ILE B 234 -18.21 1.84 28.51
N VAL B 235 -17.58 0.81 29.06
CA VAL B 235 -16.20 0.52 28.72
C VAL B 235 -16.14 -0.71 27.81
N GLN B 236 -15.20 -0.70 26.88
CA GLN B 236 -15.08 -1.77 25.89
C GLN B 236 -13.69 -2.38 25.83
N VAL B 237 -13.65 -3.71 25.76
CA VAL B 237 -12.42 -4.45 25.48
C VAL B 237 -12.69 -5.44 24.35
N HIS B 238 -11.63 -6.06 23.83
CA HIS B 238 -11.75 -7.07 22.79
C HIS B 238 -11.18 -8.39 23.30
N SER B 239 -11.53 -9.50 22.65
CA SER B 239 -11.00 -10.79 23.07
C SER B 239 -10.82 -11.76 21.91
N TYR B 240 -9.61 -12.25 21.76
CA TYR B 240 -9.34 -13.34 20.81
C TYR B 240 -8.56 -14.41 21.58
N ASP B 241 -8.91 -14.53 22.86
CA ASP B 241 -8.23 -15.41 23.80
C ASP B 241 -8.80 -16.82 23.80
N PRO B 242 -7.95 -17.84 24.05
CA PRO B 242 -6.50 -17.73 24.21
C PRO B 242 -5.84 -17.41 22.88
N TRP B 243 -4.83 -16.53 22.89
CA TRP B 243 -4.24 -16.06 21.64
C TRP B 243 -3.84 -17.22 20.75
N ASN B 244 -4.29 -17.16 19.50
CA ASN B 244 -3.95 -18.13 18.45
C ASN B 244 -4.57 -19.52 18.68
N PHE B 245 -5.63 -19.58 19.48
CA PHE B 245 -6.29 -20.86 19.78
C PHE B 245 -6.83 -21.55 18.54
N PHE B 246 -7.17 -20.79 17.50
CA PHE B 246 -7.67 -21.38 16.26
C PHE B 246 -6.63 -22.31 15.63
N ASN B 247 -5.36 -22.07 15.96
CA ASN B 247 -4.28 -22.90 15.46
C ASN B 247 -3.80 -23.93 16.49
N THR B 248 -3.81 -23.54 17.77
CA THR B 248 -3.19 -24.37 18.79
C THR B 248 -4.15 -25.39 19.40
N LYS B 249 -5.44 -25.17 19.22
CA LYS B 249 -6.46 -26.01 19.85
C LYS B 249 -7.28 -26.80 18.83
N THR B 250 -7.68 -28.01 19.21
CA THR B 250 -8.57 -28.82 18.38
C THR B 250 -10.02 -28.62 18.82
N THR B 251 -10.23 -28.44 20.12
CA THR B 251 -11.56 -28.16 20.67
C THR B 251 -11.50 -27.00 21.68
N TRP B 252 -12.63 -26.36 21.88
CA TRP B 252 -12.76 -25.33 22.91
C TRP B 252 -12.85 -26.02 24.27
N ASP B 253 -11.69 -26.23 24.89
CA ASP B 253 -11.60 -27.10 26.06
C ASP B 253 -11.58 -26.36 27.40
N SER B 254 -11.22 -27.08 28.46
CA SER B 254 -11.19 -26.53 29.81
C SER B 254 -10.24 -25.34 29.94
N GLU B 255 -9.09 -25.43 29.29
CA GLU B 255 -8.14 -24.33 29.33
C GLU B 255 -8.75 -23.09 28.68
N CYS B 256 -9.39 -23.28 27.53
CA CYS B 256 -10.05 -22.18 26.84
C CYS B 256 -11.15 -21.58 27.72
N HIS B 257 -11.99 -22.44 28.29
CA HIS B 257 -13.11 -21.99 29.10
C HIS B 257 -12.61 -21.29 30.36
N ASN B 258 -11.62 -21.88 31.04
CA ASN B 258 -11.05 -21.24 32.23
C ASN B 258 -10.50 -19.85 31.92
N THR B 259 -9.79 -19.75 30.79
CA THR B 259 -9.24 -18.48 30.34
C THR B 259 -10.31 -17.41 30.21
N LEU B 260 -11.42 -17.76 29.56
CA LEU B 260 -12.51 -16.80 29.37
C LEU B 260 -13.22 -16.43 30.69
N THR B 261 -13.49 -17.42 31.54
CA THR B 261 -14.19 -17.14 32.78
C THR B 261 -13.38 -16.20 33.67
N GLU B 262 -12.06 -16.40 33.69
CA GLU B 262 -11.19 -15.56 34.51
C GLU B 262 -11.12 -14.14 33.94
N ILE B 263 -11.19 -14.03 32.62
CA ILE B 263 -11.23 -12.73 31.97
C ILE B 263 -12.50 -11.96 32.39
N PHE B 264 -13.66 -12.61 32.30
CA PHE B 264 -14.91 -12.00 32.72
C PHE B 264 -14.95 -11.75 34.23
N SER B 265 -14.35 -12.66 34.99
CA SER B 265 -14.29 -12.50 36.43
C SER B 265 -13.46 -11.26 36.77
N ALA B 266 -12.38 -11.04 36.02
CA ALA B 266 -11.51 -9.91 36.24
C ALA B 266 -12.17 -8.58 35.85
N LEU B 267 -12.98 -8.60 34.79
CA LEU B 267 -13.67 -7.40 34.33
C LEU B 267 -14.79 -7.01 35.28
N SER B 268 -15.54 -8.01 35.73
CA SER B 268 -16.65 -7.78 36.65
C SER B 268 -16.15 -7.33 38.02
N LYS B 269 -14.95 -7.78 38.38
CA LYS B 269 -14.36 -7.37 39.66
C LYS B 269 -14.00 -5.90 39.61
N LYS B 270 -13.47 -5.46 38.47
CA LYS B 270 -13.09 -4.06 38.29
C LYS B 270 -14.30 -3.17 38.06
N PHE B 271 -15.24 -3.60 37.21
CA PHE B 271 -16.36 -2.75 36.85
C PHE B 271 -17.65 -3.18 37.54
N THR B 272 -17.94 -2.46 38.63
CA THR B 272 -19.04 -2.72 39.57
C THR B 272 -20.43 -2.53 39.00
N THR B 273 -20.72 -1.27 38.71
CA THR B 273 -22.03 -0.79 38.35
C THR B 273 -21.99 -0.21 36.94
N ILE B 274 -20.77 0.09 36.49
CA ILE B 274 -20.56 0.51 35.11
C ILE B 274 -20.51 -0.72 34.20
N PRO B 275 -21.28 -0.69 33.11
CA PRO B 275 -21.25 -1.85 32.21
C PRO B 275 -20.01 -1.88 31.33
N TYR B 276 -19.59 -3.08 30.95
CA TYR B 276 -18.54 -3.24 29.95
C TYR B 276 -19.04 -4.15 28.84
N ILE B 277 -18.47 -4.00 27.64
CA ILE B 277 -18.83 -4.88 26.53
C ILE B 277 -17.58 -5.51 25.90
N ILE B 278 -17.78 -6.67 25.28
CA ILE B 278 -16.76 -7.25 24.42
C ILE B 278 -17.06 -6.76 23.01
N GLY B 279 -16.37 -5.70 22.59
CA GLY B 279 -16.67 -5.02 21.34
C GLY B 279 -16.25 -5.76 20.08
N ALA B 280 -15.40 -6.76 20.25
CA ALA B 280 -14.91 -7.55 19.12
C ALA B 280 -14.29 -8.84 19.62
N TYR B 281 -14.69 -9.94 19.01
CA TYR B 281 -14.14 -11.25 19.37
C TYR B 281 -14.26 -12.18 18.18
N GLY B 282 -13.43 -13.21 18.16
CA GLY B 282 -13.45 -14.16 17.07
C GLY B 282 -12.27 -15.10 17.11
N THR B 283 -12.06 -15.82 16.00
CA THR B 283 -11.05 -16.86 15.94
C THR B 283 -9.71 -16.32 15.45
N HIS B 284 -9.65 -15.02 15.18
CA HIS B 284 -8.50 -14.40 14.55
C HIS B 284 -7.24 -14.56 15.39
N GLY B 285 -6.22 -15.19 14.80
CA GLY B 285 -5.00 -15.49 15.52
C GLY B 285 -3.75 -14.95 14.83
N GLU B 286 -2.65 -15.68 14.93
CA GLU B 286 -1.38 -15.27 14.34
C GLU B 286 -1.53 -15.01 12.85
N SER B 287 -1.00 -13.88 12.39
CA SER B 287 -1.14 -13.44 11.00
C SER B 287 -2.61 -13.33 10.57
N ASP B 288 -3.47 -13.10 11.55
CA ASP B 288 -4.91 -12.97 11.36
C ASP B 288 -5.55 -14.14 10.62
N ILE B 289 -4.99 -15.34 10.78
CA ILE B 289 -5.69 -16.54 10.32
C ILE B 289 -7.00 -16.67 11.09
N SER B 290 -8.09 -16.97 10.39
CA SER B 290 -9.38 -17.10 11.04
C SER B 290 -10.25 -18.13 10.34
N VAL B 291 -11.36 -18.47 10.98
CA VAL B 291 -12.30 -19.46 10.47
C VAL B 291 -13.03 -18.90 9.24
N SER B 292 -13.41 -19.79 8.33
CA SER B 292 -14.30 -19.41 7.24
C SER B 292 -15.18 -20.60 6.90
N LYS B 293 -16.11 -20.43 5.98
CA LYS B 293 -17.05 -21.49 5.65
C LYS B 293 -16.34 -22.68 5.00
N SER B 294 -15.11 -22.48 4.52
CA SER B 294 -14.37 -23.59 3.90
C SER B 294 -13.47 -24.31 4.90
N SER B 295 -13.43 -23.83 6.14
CA SER B 295 -12.73 -24.53 7.21
C SER B 295 -13.38 -25.90 7.44
N PRO B 296 -12.59 -26.88 7.92
CA PRO B 296 -13.15 -28.18 8.29
C PRO B 296 -14.20 -28.04 9.38
N ALA B 297 -15.19 -28.93 9.41
CA ALA B 297 -16.30 -28.83 10.35
C ALA B 297 -15.82 -28.72 11.80
N GLU B 298 -14.75 -29.42 12.13
CA GLU B 298 -14.22 -29.38 13.48
C GLU B 298 -13.74 -27.98 13.86
N LYS B 299 -13.17 -27.26 12.90
CA LYS B 299 -12.72 -25.88 13.13
C LYS B 299 -13.91 -24.94 13.26
N ILE B 300 -14.95 -25.20 12.49
CA ILE B 300 -16.16 -24.38 12.59
C ILE B 300 -16.82 -24.62 13.94
N LYS B 301 -16.78 -25.87 14.39
CA LYS B 301 -17.27 -26.20 15.73
C LYS B 301 -16.47 -25.46 16.80
N LEU B 302 -15.16 -25.34 16.60
CA LEU B 302 -14.30 -24.60 17.52
C LEU B 302 -14.77 -23.14 17.61
N ALA B 303 -15.04 -22.54 16.46
CA ALA B 303 -15.54 -21.17 16.43
C ALA B 303 -16.92 -21.07 17.09
N ALA B 304 -17.78 -22.04 16.83
CA ALA B 304 -19.11 -22.03 17.44
C ALA B 304 -19.03 -22.13 18.96
N ASP B 305 -18.16 -23.02 19.44
CA ASP B 305 -18.04 -23.24 20.87
C ASP B 305 -17.47 -22.01 21.58
N GLN B 306 -16.50 -21.35 20.94
CA GLN B 306 -15.99 -20.08 21.48
C GLN B 306 -17.12 -19.07 21.60
N ALA B 307 -17.87 -18.89 20.52
CA ALA B 307 -18.93 -17.88 20.48
C ALA B 307 -20.01 -18.17 21.52
N ALA B 308 -20.40 -19.43 21.64
CA ALA B 308 -21.41 -19.84 22.62
C ALA B 308 -20.95 -19.51 24.04
N ASP B 309 -19.69 -19.81 24.34
CA ASP B 309 -19.12 -19.54 25.64
C ASP B 309 -19.07 -18.03 25.91
N MET B 310 -18.60 -17.27 24.93
CA MET B 310 -18.50 -15.81 25.05
C MET B 310 -19.87 -15.18 25.32
N VAL B 311 -20.89 -15.62 24.60
CA VAL B 311 -22.22 -15.04 24.71
C VAL B 311 -22.84 -15.32 26.09
N LYS B 312 -22.76 -16.56 26.55
CA LYS B 312 -23.36 -16.93 27.83
C LYS B 312 -22.67 -16.25 29.00
N LEU B 313 -21.34 -16.23 28.98
CA LEU B 313 -20.57 -15.56 30.03
C LEU B 313 -20.91 -14.07 30.10
N ALA B 314 -20.97 -13.41 28.94
CA ALA B 314 -21.31 -11.99 28.92
C ALA B 314 -22.73 -11.76 29.44
N LYS B 315 -23.64 -12.64 29.07
CA LYS B 315 -25.02 -12.56 29.55
C LYS B 315 -25.05 -12.68 31.08
N ASP B 316 -24.28 -13.64 31.60
CA ASP B 316 -24.21 -13.85 33.03
C ASP B 316 -23.52 -12.70 33.75
N HIS B 317 -22.63 -12.01 33.06
CA HIS B 317 -21.88 -10.92 33.68
C HIS B 317 -22.45 -9.55 33.33
N HIS B 318 -23.70 -9.53 32.89
CA HIS B 318 -24.40 -8.31 32.50
C HIS B 318 -23.57 -7.47 31.53
N SER B 319 -23.05 -8.17 30.52
CA SER B 319 -22.26 -7.56 29.46
C SER B 319 -22.97 -7.79 28.14
N ALA B 320 -22.23 -7.64 27.04
CA ALA B 320 -22.77 -7.86 25.70
C ALA B 320 -21.61 -8.08 24.75
N THR B 321 -21.88 -8.71 23.60
CA THR B 321 -20.80 -9.12 22.70
C THR B 321 -21.05 -8.71 21.24
N PHE B 322 -19.96 -8.48 20.50
CA PHE B 322 -20.02 -8.10 19.08
C PHE B 322 -19.07 -8.97 18.26
N TYR B 323 -19.61 -9.88 17.46
CA TYR B 323 -18.79 -10.81 16.68
C TYR B 323 -17.97 -10.07 15.62
N TRP B 324 -16.67 -10.35 15.56
CA TRP B 324 -15.86 -9.73 14.53
C TRP B 324 -15.98 -10.48 13.19
N MET B 325 -16.93 -10.04 12.37
CA MET B 325 -17.01 -10.30 10.92
C MET B 325 -17.43 -11.69 10.43
N SER B 326 -16.79 -12.75 10.95
CA SER B 326 -16.80 -14.05 10.28
C SER B 326 -18.20 -14.62 9.97
N ILE B 327 -19.18 -14.32 10.82
CA ILE B 327 -20.50 -14.94 10.67
C ILE B 327 -21.31 -14.34 9.53
N PHE B 328 -20.90 -13.18 9.02
CA PHE B 328 -21.72 -12.45 8.05
C PHE B 328 -20.82 -11.65 7.10
N ASP B 329 -20.24 -12.33 6.11
CA ASP B 329 -19.07 -11.81 5.42
C ASP B 329 -19.16 -11.82 3.90
N GLY B 330 -18.66 -10.75 3.29
CA GLY B 330 -18.49 -10.67 1.86
C GLY B 330 -19.79 -10.83 1.08
N SER B 331 -19.77 -11.71 0.09
CA SER B 331 -20.93 -11.89 -0.78
C SER B 331 -22.16 -12.40 -0.05
N ASP B 332 -21.97 -13.00 1.13
CA ASP B 332 -23.10 -13.49 1.91
C ASP B 332 -23.98 -12.33 2.39
N ARG B 333 -23.37 -11.16 2.57
CA ARG B 333 -24.12 -9.99 3.01
C ARG B 333 -25.16 -9.57 1.95
N ILE B 334 -24.89 -9.93 0.70
CA ILE B 334 -25.72 -9.53 -0.44
C ILE B 334 -27.02 -10.33 -0.53
N GLN B 335 -26.96 -11.60 -0.15
CA GLN B 335 -28.08 -12.50 -0.35
CA GLN B 335 -28.08 -12.51 -0.34
C GLN B 335 -29.36 -11.99 0.33
N PRO B 336 -29.33 -11.69 1.64
CA PRO B 336 -28.34 -11.82 2.73
C PRO B 336 -28.52 -13.19 3.36
N GLN B 337 -27.44 -13.74 3.89
CA GLN B 337 -27.48 -15.03 4.56
C GLN B 337 -26.27 -15.12 5.48
N TRP B 338 -26.34 -15.97 6.49
CA TRP B 338 -25.18 -16.16 7.35
C TRP B 338 -24.06 -16.89 6.60
N SER B 339 -22.82 -16.50 6.89
CA SER B 339 -21.66 -17.22 6.38
C SER B 339 -21.41 -18.47 7.20
N LEU B 340 -21.64 -18.38 8.50
CA LEU B 340 -21.42 -19.47 9.43
C LEU B 340 -22.66 -19.73 10.28
N PRO B 341 -23.71 -20.29 9.65
CA PRO B 341 -25.00 -20.44 10.35
C PRO B 341 -24.95 -21.33 11.60
N THR B 342 -24.05 -22.31 11.67
CA THR B 342 -24.01 -23.13 12.88
C THR B 342 -23.38 -22.35 14.05
N VAL B 343 -22.48 -21.43 13.73
CA VAL B 343 -21.91 -20.56 14.75
C VAL B 343 -22.97 -19.61 15.29
N VAL B 344 -23.75 -19.02 14.38
CA VAL B 344 -24.86 -18.17 14.76
C VAL B 344 -25.88 -18.93 15.62
N GLU B 345 -26.25 -20.13 15.21
CA GLU B 345 -27.21 -20.93 15.99
C GLU B 345 -26.70 -21.22 17.41
N ALA B 346 -25.40 -21.45 17.54
CA ALA B 346 -24.82 -21.70 18.86
C ALA B 346 -24.92 -20.45 19.72
N MET B 347 -24.75 -19.29 19.10
CA MET B 347 -24.87 -18.00 19.78
C MET B 347 -26.31 -17.74 20.21
N GLN B 348 -27.24 -18.01 19.32
CA GLN B 348 -28.65 -17.74 19.58
C GLN B 348 -29.15 -18.61 20.72
N GLU B 349 -28.77 -19.88 20.69
CA GLU B 349 -29.12 -20.81 21.76
C GLU B 349 -28.48 -20.38 23.08
N ALA B 350 -27.22 -19.96 23.03
CA ALA B 350 -26.52 -19.53 24.23
C ALA B 350 -27.20 -18.30 24.86
N TYR B 351 -27.68 -17.39 24.02
CA TYR B 351 -28.27 -16.18 24.55
C TYR B 351 -29.70 -16.39 25.06
N ASN B 352 -30.44 -17.29 24.42
CA ASN B 352 -31.86 -17.42 24.70
C ASN B 352 -32.23 -18.57 25.64
N ASN B 353 -31.29 -19.49 25.86
CA ASN B 353 -31.57 -20.66 26.70
C ASN B 353 -30.72 -20.66 27.96
#